data_7DHT
#
_entry.id   7DHT
#
_entity_poly.entity_id   1
_entity_poly.type   'polypeptide(L)'
_entity_poly.pdbx_seq_one_letter_code
;MAKSSFKQEHDLEKRRAEAARIREKYPDRIPVIVEKAEKSDIPTIDKKKYLVPADLTVGQFVYVIRKRIKLSAEKAIFIF
VDNVLPPAGALMSSVYEEKKDDDGFLYVTYSGENTFGFGSP
;
_entity_poly.pdbx_strand_id   A
#
# COMPACT_ATOMS: atom_id res chain seq x y z
N MET A 1 -1.22 -4.07 15.09
CA MET A 1 -1.84 -5.40 14.90
C MET A 1 -2.01 -5.72 13.42
N ALA A 2 -2.51 -4.76 12.67
CA ALA A 2 -2.73 -4.94 11.23
C ALA A 2 -1.43 -4.75 10.46
N LYS A 3 -0.88 -3.53 10.52
CA LYS A 3 0.37 -3.22 9.83
C LYS A 3 1.54 -3.22 10.80
N SER A 4 2.74 -2.94 10.29
CA SER A 4 3.94 -2.90 11.13
C SER A 4 5.11 -2.25 10.41
N SER A 5 5.37 -0.98 10.76
CA SER A 5 6.47 -0.23 10.16
C SER A 5 6.50 1.21 10.67
N PHE A 6 5.59 2.03 10.15
CA PHE A 6 5.51 3.43 10.56
C PHE A 6 5.25 3.54 12.06
N LYS A 7 4.50 2.59 12.60
CA LYS A 7 4.20 2.58 14.03
C LYS A 7 5.49 2.42 14.82
N GLN A 8 6.49 1.84 14.17
CA GLN A 8 7.79 1.63 14.79
C GLN A 8 8.72 2.79 14.46
N GLU A 9 8.45 3.43 13.33
CA GLU A 9 9.25 4.56 12.87
C GLU A 9 8.35 5.73 12.48
N HIS A 10 8.02 6.56 13.47
CA HIS A 10 7.16 7.72 13.25
C HIS A 10 7.95 8.88 12.67
N ASP A 11 7.31 9.68 11.82
CA ASP A 11 7.96 10.82 11.20
C ASP A 11 6.94 11.63 10.41
N LEU A 12 5.95 12.17 11.12
CA LEU A 12 4.92 12.96 10.48
C LEU A 12 5.53 14.08 9.67
N GLU A 13 6.39 14.88 10.29
CA GLU A 13 7.03 15.99 9.59
C GLU A 13 7.34 15.60 8.16
N LYS A 14 7.85 14.38 8.00
CA LYS A 14 8.18 13.85 6.67
C LYS A 14 6.92 13.53 5.89
N ARG A 15 6.04 12.72 6.48
CA ARG A 15 4.79 12.35 5.80
C ARG A 15 3.96 13.59 5.46
N ARG A 16 3.65 14.36 6.50
CA ARG A 16 2.87 15.59 6.38
C ARG A 16 3.45 16.51 5.30
N ALA A 17 4.75 16.81 5.41
CA ALA A 17 5.37 17.71 4.45
C ALA A 17 5.33 17.18 3.05
N GLU A 18 5.84 15.98 2.86
CA GLU A 18 5.89 15.37 1.54
C GLU A 18 4.48 15.26 0.95
N ALA A 19 3.51 15.05 1.83
CA ALA A 19 2.11 14.92 1.43
C ALA A 19 1.59 16.21 0.85
N ALA A 20 1.68 17.28 1.62
CA ALA A 20 1.17 18.55 1.17
C ALA A 20 2.10 19.17 0.15
N ARG A 21 3.36 18.80 0.23
CA ARG A 21 4.34 19.32 -0.69
C ARG A 21 4.04 18.82 -2.08
N ILE A 22 3.68 17.54 -2.21
CA ILE A 22 3.35 16.98 -3.51
C ILE A 22 2.01 17.49 -4.01
N ARG A 23 0.97 17.46 -3.16
CA ARG A 23 -0.34 17.95 -3.59
C ARG A 23 -0.28 19.42 -3.98
N GLU A 24 0.69 20.12 -3.40
CA GLU A 24 0.88 21.54 -3.71
C GLU A 24 1.84 21.69 -4.87
N LYS A 25 2.74 20.74 -4.97
CA LYS A 25 3.74 20.71 -6.03
C LYS A 25 3.05 20.68 -7.38
N TYR A 26 2.32 19.59 -7.64
CA TYR A 26 1.59 19.40 -8.91
C TYR A 26 1.34 17.92 -9.21
N PRO A 27 2.39 17.07 -9.14
CA PRO A 27 2.25 15.64 -9.43
C PRO A 27 1.04 15.01 -8.75
N ASP A 28 0.72 15.47 -7.55
CA ASP A 28 -0.41 14.92 -6.80
C ASP A 28 -0.37 13.40 -6.82
N ARG A 29 0.79 12.84 -6.55
CA ARG A 29 0.96 11.39 -6.55
C ARG A 29 0.70 10.80 -5.16
N ILE A 30 -0.10 9.75 -5.13
CA ILE A 30 -0.47 9.06 -3.90
C ILE A 30 0.74 8.48 -3.18
N PRO A 31 1.14 9.03 -2.05
CA PRO A 31 2.26 8.46 -1.29
C PRO A 31 1.87 7.11 -0.72
N VAL A 32 2.45 6.04 -1.24
CA VAL A 32 2.09 4.70 -0.77
C VAL A 32 3.22 4.05 0.03
N ILE A 33 2.91 3.69 1.26
CA ILE A 33 3.86 3.03 2.14
C ILE A 33 3.48 1.57 2.29
N VAL A 34 4.02 0.71 1.42
CA VAL A 34 3.71 -0.71 1.46
C VAL A 34 4.44 -1.38 2.62
N GLU A 35 3.69 -2.12 3.44
CA GLU A 35 4.26 -2.81 4.59
C GLU A 35 3.73 -4.25 4.70
N LYS A 36 4.57 -5.14 5.21
CA LYS A 36 4.19 -6.55 5.35
C LYS A 36 3.23 -6.75 6.53
N ALA A 37 2.12 -7.44 6.27
CA ALA A 37 1.14 -7.73 7.31
C ALA A 37 1.71 -8.66 8.37
N GLU A 38 0.99 -8.82 9.48
CA GLU A 38 1.45 -9.68 10.55
C GLU A 38 1.40 -11.14 10.11
N LYS A 39 0.31 -11.50 9.44
CA LYS A 39 0.11 -12.85 8.95
C LYS A 39 0.44 -12.92 7.47
N SER A 40 1.32 -12.04 7.02
CA SER A 40 1.71 -11.97 5.63
C SER A 40 2.61 -13.15 5.24
N ASP A 41 2.39 -13.66 4.03
CA ASP A 41 3.16 -14.77 3.50
C ASP A 41 3.46 -14.55 2.03
N ILE A 42 3.75 -13.29 1.70
CA ILE A 42 4.04 -12.90 0.32
C ILE A 42 5.34 -12.08 0.24
N PRO A 43 6.48 -12.66 0.68
CA PRO A 43 7.76 -11.95 0.70
C PRO A 43 8.54 -11.96 -0.62
N THR A 44 8.94 -10.75 -1.05
CA THR A 44 9.72 -10.56 -2.27
C THR A 44 9.67 -9.10 -2.73
N ILE A 45 8.49 -8.52 -2.65
CA ILE A 45 8.27 -7.14 -3.10
C ILE A 45 9.00 -6.12 -2.24
N ASP A 46 9.70 -5.20 -2.89
CA ASP A 46 10.38 -4.14 -2.17
C ASP A 46 9.31 -3.15 -1.74
N LYS A 47 8.74 -3.42 -0.58
CA LYS A 47 7.65 -2.62 -0.05
C LYS A 47 8.11 -1.23 0.41
N LYS A 48 8.69 -1.15 1.60
CA LYS A 48 9.15 0.12 2.15
C LYS A 48 8.17 1.26 1.83
N LYS A 49 8.65 2.31 1.18
CA LYS A 49 7.78 3.45 0.85
C LYS A 49 8.18 4.10 -0.47
N TYR A 50 7.17 4.49 -1.25
CA TYR A 50 7.38 5.16 -2.53
C TYR A 50 6.11 5.89 -2.97
N LEU A 51 6.31 7.06 -3.58
CA LEU A 51 5.19 7.88 -4.06
C LEU A 51 4.64 7.34 -5.39
N VAL A 52 3.37 6.95 -5.38
CA VAL A 52 2.72 6.44 -6.59
C VAL A 52 1.61 7.39 -7.03
N PRO A 53 1.53 7.72 -8.33
CA PRO A 53 0.51 8.65 -8.83
C PRO A 53 -0.91 8.32 -8.37
N ALA A 54 -1.71 9.37 -8.19
CA ALA A 54 -3.10 9.24 -7.75
C ALA A 54 -4.01 8.94 -8.94
N ASP A 55 -3.41 8.90 -10.11
CA ASP A 55 -4.16 8.65 -11.34
C ASP A 55 -4.62 7.20 -11.44
N LEU A 56 -4.66 6.50 -10.31
CA LEU A 56 -5.10 5.10 -10.30
C LEU A 56 -5.84 4.73 -9.04
N THR A 57 -6.45 3.56 -9.07
CA THR A 57 -7.26 3.07 -7.96
C THR A 57 -6.53 2.15 -6.99
N VAL A 58 -7.30 1.65 -6.04
CA VAL A 58 -6.80 0.74 -5.03
C VAL A 58 -6.32 -0.54 -5.69
N GLY A 59 -7.24 -1.22 -6.38
CA GLY A 59 -6.88 -2.44 -7.08
C GLY A 59 -5.80 -2.17 -8.10
N GLN A 60 -5.68 -0.91 -8.49
CA GLN A 60 -4.64 -0.51 -9.43
C GLN A 60 -3.31 -0.54 -8.71
N PHE A 61 -3.33 -0.13 -7.44
CA PHE A 61 -2.14 -0.20 -6.61
C PHE A 61 -1.75 -1.66 -6.49
N VAL A 62 -2.78 -2.50 -6.40
CA VAL A 62 -2.58 -3.94 -6.35
C VAL A 62 -1.96 -4.37 -7.67
N TYR A 63 -2.49 -3.80 -8.74
CA TYR A 63 -2.00 -4.07 -10.07
C TYR A 63 -0.57 -3.58 -10.18
N VAL A 64 -0.23 -2.61 -9.32
CA VAL A 64 1.12 -2.07 -9.28
C VAL A 64 2.03 -3.15 -8.72
N ILE A 65 1.62 -3.72 -7.57
CA ILE A 65 2.35 -4.82 -6.99
C ILE A 65 2.33 -5.95 -8.01
N ARG A 66 1.31 -5.85 -8.87
CA ARG A 66 1.10 -6.75 -10.01
C ARG A 66 1.27 -8.23 -9.67
N LYS A 67 1.14 -8.57 -8.39
CA LYS A 67 1.26 -9.95 -7.93
C LYS A 67 2.22 -10.75 -8.79
N ARG A 68 3.36 -10.15 -9.10
CA ARG A 68 4.40 -10.81 -9.90
C ARG A 68 5.57 -11.15 -8.99
N ILE A 69 5.46 -10.72 -7.74
CA ILE A 69 6.47 -10.93 -6.73
C ILE A 69 6.42 -12.36 -6.21
N LYS A 70 7.00 -13.28 -6.98
CA LYS A 70 7.01 -14.70 -6.63
C LYS A 70 5.59 -15.25 -6.39
N LEU A 71 4.59 -14.45 -6.78
CA LEU A 71 3.18 -14.85 -6.63
C LEU A 71 2.81 -15.93 -7.63
N SER A 72 1.69 -16.61 -7.34
CA SER A 72 1.21 -17.67 -8.20
C SER A 72 0.33 -17.13 -9.32
N ALA A 73 0.04 -17.97 -10.30
CA ALA A 73 -0.78 -17.58 -11.43
C ALA A 73 -2.16 -17.07 -11.02
N GLU A 74 -3.01 -18.03 -10.68
CA GLU A 74 -4.39 -17.77 -10.29
C GLU A 74 -4.48 -16.95 -9.00
N LYS A 75 -3.38 -16.78 -8.30
CA LYS A 75 -3.38 -16.03 -7.05
C LYS A 75 -3.07 -14.55 -7.29
N ALA A 76 -3.24 -13.75 -6.23
CA ALA A 76 -2.99 -12.32 -6.30
C ALA A 76 -2.66 -11.78 -4.91
N ILE A 77 -2.46 -10.46 -4.82
CA ILE A 77 -2.15 -9.84 -3.54
C ILE A 77 -3.41 -9.36 -2.83
N PHE A 78 -3.25 -8.92 -1.59
CA PHE A 78 -4.35 -8.45 -0.77
C PHE A 78 -3.83 -7.49 0.27
N ILE A 79 -4.44 -6.32 0.36
CA ILE A 79 -3.98 -5.33 1.32
C ILE A 79 -4.89 -5.22 2.52
N PHE A 80 -4.24 -5.14 3.67
CA PHE A 80 -4.93 -5.00 4.94
C PHE A 80 -4.32 -3.85 5.71
N VAL A 81 -5.18 -2.96 6.15
CA VAL A 81 -4.77 -1.77 6.86
C VAL A 81 -5.82 -1.40 7.87
N ASP A 82 -5.41 -1.21 9.12
CA ASP A 82 -6.35 -0.88 10.18
C ASP A 82 -7.43 -1.97 10.21
N ASN A 83 -7.01 -3.19 9.89
CA ASN A 83 -7.91 -4.33 9.85
C ASN A 83 -9.00 -4.13 8.80
N VAL A 84 -8.60 -3.76 7.59
CA VAL A 84 -9.55 -3.53 6.51
C VAL A 84 -9.11 -4.17 5.22
N LEU A 85 -10.01 -4.10 4.27
CA LEU A 85 -9.81 -4.63 2.93
C LEU A 85 -10.36 -3.63 1.92
N PRO A 86 -9.55 -2.63 1.54
CA PRO A 86 -9.92 -1.58 0.59
C PRO A 86 -10.75 -2.09 -0.60
N PRO A 87 -11.39 -1.15 -1.33
CA PRO A 87 -12.26 -1.48 -2.48
C PRO A 87 -11.51 -2.06 -3.65
N ALA A 88 -10.17 -1.98 -3.61
CA ALA A 88 -9.33 -2.47 -4.68
C ALA A 88 -9.99 -2.28 -6.04
N GLY A 89 -10.27 -1.02 -6.36
CA GLY A 89 -10.90 -0.65 -7.61
C GLY A 89 -11.50 0.74 -7.54
N ALA A 90 -11.71 1.23 -6.32
CA ALA A 90 -12.24 2.57 -6.12
C ALA A 90 -11.36 3.62 -6.78
N LEU A 91 -10.53 4.27 -5.97
CA LEU A 91 -9.62 5.30 -6.47
C LEU A 91 -8.78 5.85 -5.32
N MET A 92 -7.60 5.27 -5.13
CA MET A 92 -6.70 5.70 -4.06
C MET A 92 -6.66 7.21 -3.92
N SER A 93 -6.90 7.91 -5.03
CA SER A 93 -6.87 9.37 -5.07
C SER A 93 -8.10 9.97 -4.37
N SER A 94 -9.23 9.97 -5.08
CA SER A 94 -10.46 10.48 -4.51
C SER A 94 -10.55 9.97 -3.10
N VAL A 95 -10.38 8.67 -2.99
CA VAL A 95 -10.39 7.99 -1.70
C VAL A 95 -9.47 8.69 -0.71
N TYR A 96 -8.23 8.96 -1.15
CA TYR A 96 -7.24 9.62 -0.30
C TYR A 96 -7.76 10.95 0.22
N GLU A 97 -8.61 11.61 -0.58
CA GLU A 97 -9.15 12.91 -0.19
C GLU A 97 -10.66 12.85 0.12
N GLU A 98 -11.23 11.67 0.12
CA GLU A 98 -12.67 11.52 0.38
C GLU A 98 -12.97 10.73 1.64
N LYS A 99 -12.15 9.73 1.97
CA LYS A 99 -12.41 8.92 3.15
C LYS A 99 -11.14 8.70 3.97
N LYS A 100 -10.11 8.17 3.34
CA LYS A 100 -8.87 7.91 4.05
C LYS A 100 -7.78 8.94 3.83
N ASP A 101 -7.40 9.57 4.93
CA ASP A 101 -6.34 10.57 4.93
C ASP A 101 -5.83 10.82 6.34
N ASP A 102 -4.55 11.14 6.46
CA ASP A 102 -3.95 11.43 7.75
C ASP A 102 -3.16 12.74 7.68
N ASP A 103 -2.92 13.21 6.47
CA ASP A 103 -2.17 14.45 6.23
C ASP A 103 -1.99 14.65 4.73
N GLY A 104 -1.95 13.54 4.02
CA GLY A 104 -1.77 13.55 2.59
C GLY A 104 -1.00 12.32 2.15
N PHE A 105 -0.27 11.75 3.12
CA PHE A 105 0.53 10.55 2.88
C PHE A 105 -0.33 9.31 3.13
N LEU A 106 -0.26 8.35 2.21
CA LEU A 106 -1.06 7.13 2.33
C LEU A 106 -0.21 5.96 2.83
N TYR A 107 -0.71 5.27 3.85
CA TYR A 107 -0.01 4.13 4.43
C TYR A 107 -0.78 2.84 4.21
N VAL A 108 -0.14 1.88 3.57
CA VAL A 108 -0.75 0.60 3.28
C VAL A 108 0.10 -0.57 3.72
N THR A 109 -0.52 -1.72 3.82
CA THR A 109 0.17 -2.94 4.19
C THR A 109 -0.28 -4.07 3.27
N TYR A 110 0.70 -4.72 2.63
CA TYR A 110 0.41 -5.79 1.70
C TYR A 110 0.40 -7.16 2.37
N SER A 111 -0.29 -8.09 1.73
CA SER A 111 -0.43 -9.44 2.22
C SER A 111 -0.88 -10.36 1.08
N GLY A 112 -0.28 -11.55 0.99
CA GLY A 112 -0.62 -12.45 -0.09
C GLY A 112 -1.67 -13.50 0.28
N GLU A 113 -1.86 -14.47 -0.61
CA GLU A 113 -2.82 -15.54 -0.40
C GLU A 113 -2.33 -16.82 -1.04
N ASN A 114 -2.36 -17.92 -0.28
CA ASN A 114 -1.92 -19.23 -0.76
C ASN A 114 -0.80 -19.09 -1.79
N THR A 115 0.05 -18.10 -1.60
CA THR A 115 1.16 -17.84 -2.51
C THR A 115 2.33 -18.77 -2.24
N PHE A 116 3.06 -18.50 -1.16
CA PHE A 116 4.20 -19.33 -0.80
C PHE A 116 4.12 -19.78 0.65
N GLY A 117 4.05 -21.09 0.87
CA GLY A 117 3.98 -21.61 2.22
C GLY A 117 4.08 -23.13 2.25
N PHE A 118 4.69 -23.69 1.22
CA PHE A 118 4.86 -25.14 1.13
C PHE A 118 6.24 -25.57 1.61
N GLY A 119 7.23 -25.39 0.76
CA GLY A 119 8.59 -25.77 1.11
C GLY A 119 9.59 -24.66 0.83
N SER A 120 10.31 -24.24 1.88
CA SER A 120 11.30 -23.18 1.74
C SER A 120 12.72 -23.77 1.70
N PRO A 121 13.67 -23.04 1.08
CA PRO A 121 15.06 -23.50 0.98
C PRO A 121 15.75 -23.53 2.34
N MET A 1 -2.07 -5.91 13.74
CA MET A 1 -3.28 -5.16 13.31
C MET A 1 -2.95 -3.68 13.12
N ALA A 2 -3.75 -3.00 12.29
CA ALA A 2 -3.56 -1.58 12.02
C ALA A 2 -2.15 -1.29 11.52
N LYS A 3 -1.57 -2.27 10.81
CA LYS A 3 -0.22 -2.13 10.27
C LYS A 3 0.80 -1.86 11.37
N SER A 4 2.08 -1.88 11.00
CA SER A 4 3.15 -1.62 11.96
C SER A 4 4.48 -1.39 11.25
N SER A 5 4.88 -0.12 11.14
CA SER A 5 6.14 0.23 10.49
C SER A 5 6.39 1.73 10.47
N PHE A 6 5.51 2.47 9.78
CA PHE A 6 5.64 3.91 9.66
C PHE A 6 5.75 4.57 11.04
N LYS A 7 5.09 3.97 12.03
CA LYS A 7 5.13 4.50 13.39
C LYS A 7 6.43 4.12 14.09
N GLN A 8 7.08 3.08 13.59
CA GLN A 8 8.34 2.61 14.16
C GLN A 8 9.54 3.06 13.34
N GLU A 9 9.28 3.66 12.17
CA GLU A 9 10.35 4.12 11.29
C GLU A 9 10.13 5.55 10.83
N HIS A 10 9.07 5.78 10.07
CA HIS A 10 8.76 7.10 9.53
C HIS A 10 8.60 8.15 10.63
N ASP A 11 8.20 9.35 10.21
CA ASP A 11 8.02 10.48 11.10
C ASP A 11 7.11 11.45 10.39
N LEU A 12 5.92 11.63 10.90
CA LEU A 12 4.95 12.48 10.25
C LEU A 12 5.53 13.84 9.84
N GLU A 13 6.59 14.29 10.51
CA GLU A 13 7.18 15.56 10.12
C GLU A 13 7.48 15.55 8.62
N LYS A 14 8.37 14.64 8.24
CA LYS A 14 8.76 14.50 6.84
C LYS A 14 7.64 13.87 6.02
N ARG A 15 6.88 12.97 6.64
CA ARG A 15 5.78 12.30 5.95
C ARG A 15 4.71 13.32 5.54
N ARG A 16 4.16 14.00 6.54
CA ARG A 16 3.16 15.03 6.32
C ARG A 16 3.69 16.06 5.34
N ALA A 17 4.95 16.45 5.54
CA ALA A 17 5.58 17.43 4.66
C ALA A 17 5.50 17.00 3.22
N GLU A 18 5.97 15.81 2.95
CA GLU A 18 6.01 15.29 1.61
C GLU A 18 4.60 15.17 1.04
N ALA A 19 3.64 14.91 1.92
CA ALA A 19 2.25 14.80 1.55
C ALA A 19 1.72 16.12 1.01
N ALA A 20 1.95 17.18 1.76
CA ALA A 20 1.49 18.50 1.39
C ALA A 20 2.42 19.12 0.37
N ARG A 21 3.67 18.66 0.38
CA ARG A 21 4.66 19.17 -0.54
C ARG A 21 4.28 18.75 -1.95
N ILE A 22 3.89 17.49 -2.11
CA ILE A 22 3.49 16.98 -3.40
C ILE A 22 2.12 17.55 -3.77
N ARG A 23 1.19 17.56 -2.80
CA ARG A 23 -0.15 18.09 -3.03
C ARG A 23 -0.07 19.55 -3.47
N GLU A 24 0.97 20.24 -3.02
CA GLU A 24 1.18 21.64 -3.37
C GLU A 24 2.02 21.74 -4.63
N LYS A 25 2.96 20.80 -4.74
CA LYS A 25 3.86 20.73 -5.86
C LYS A 25 3.08 20.70 -7.17
N TYR A 26 2.35 19.60 -7.39
CA TYR A 26 1.55 19.42 -8.62
C TYR A 26 1.33 17.93 -8.92
N PRO A 27 2.40 17.11 -8.93
CA PRO A 27 2.31 15.67 -9.23
C PRO A 27 1.10 14.99 -8.60
N ASP A 28 0.64 15.50 -7.45
CA ASP A 28 -0.51 14.93 -6.76
C ASP A 28 -0.45 13.40 -6.80
N ARG A 29 0.73 12.86 -6.52
CA ARG A 29 0.94 11.42 -6.54
C ARG A 29 0.68 10.82 -5.17
N ILE A 30 -0.16 9.79 -5.16
CA ILE A 30 -0.52 9.07 -3.95
C ILE A 30 0.69 8.49 -3.24
N PRO A 31 1.11 9.04 -2.10
CA PRO A 31 2.23 8.47 -1.36
C PRO A 31 1.86 7.10 -0.84
N VAL A 32 2.46 6.05 -1.41
CA VAL A 32 2.13 4.70 -0.98
C VAL A 32 3.25 4.05 -0.18
N ILE A 33 2.89 3.59 1.01
CA ILE A 33 3.83 2.92 1.90
C ILE A 33 3.39 1.48 2.12
N VAL A 34 3.88 0.57 1.28
CA VAL A 34 3.49 -0.84 1.39
C VAL A 34 4.21 -1.49 2.57
N GLU A 35 3.47 -2.31 3.32
CA GLU A 35 4.05 -3.01 4.47
C GLU A 35 3.44 -4.40 4.63
N LYS A 36 4.29 -5.39 4.90
CA LYS A 36 3.84 -6.76 5.09
C LYS A 36 3.11 -6.93 6.42
N ALA A 37 1.87 -7.42 6.36
CA ALA A 37 1.08 -7.62 7.58
C ALA A 37 1.77 -8.61 8.51
N GLU A 38 1.26 -8.72 9.74
CA GLU A 38 1.86 -9.62 10.71
C GLU A 38 1.57 -11.08 10.36
N LYS A 39 0.42 -11.31 9.74
CA LYS A 39 0.01 -12.65 9.35
C LYS A 39 0.09 -12.84 7.84
N SER A 40 1.01 -12.10 7.21
CA SER A 40 1.19 -12.17 5.77
C SER A 40 2.44 -12.95 5.40
N ASP A 41 2.41 -13.54 4.21
CA ASP A 41 3.54 -14.32 3.72
C ASP A 41 3.71 -14.10 2.22
N ILE A 42 4.17 -12.91 1.85
CA ILE A 42 4.37 -12.56 0.45
C ILE A 42 5.64 -11.70 0.27
N PRO A 43 6.82 -12.24 0.67
CA PRO A 43 8.09 -11.51 0.58
C PRO A 43 8.79 -11.54 -0.78
N THR A 44 9.18 -10.35 -1.25
CA THR A 44 9.90 -10.18 -2.51
C THR A 44 9.79 -8.73 -3.01
N ILE A 45 8.58 -8.19 -2.93
CA ILE A 45 8.29 -6.83 -3.38
C ILE A 45 8.97 -5.78 -2.53
N ASP A 46 9.65 -4.84 -3.18
CA ASP A 46 10.28 -3.74 -2.46
C ASP A 46 9.17 -2.81 -2.02
N LYS A 47 8.61 -3.10 -0.86
CA LYS A 47 7.49 -2.34 -0.32
C LYS A 47 7.93 -0.99 0.22
N LYS A 48 8.47 -1.00 1.44
CA LYS A 48 8.92 0.22 2.11
C LYS A 48 8.05 1.43 1.74
N LYS A 49 8.65 2.47 1.18
CA LYS A 49 7.92 3.66 0.82
C LYS A 49 8.23 4.14 -0.60
N TYR A 50 7.19 4.54 -1.33
CA TYR A 50 7.35 5.04 -2.69
C TYR A 50 6.10 5.81 -3.13
N LEU A 51 6.31 7.00 -3.67
CA LEU A 51 5.21 7.85 -4.13
C LEU A 51 4.64 7.35 -5.45
N VAL A 52 3.36 7.01 -5.47
CA VAL A 52 2.70 6.52 -6.68
C VAL A 52 1.62 7.51 -7.11
N PRO A 53 1.50 7.80 -8.42
CA PRO A 53 0.49 8.75 -8.90
C PRO A 53 -0.92 8.39 -8.47
N ALA A 54 -1.72 9.43 -8.23
CA ALA A 54 -3.12 9.28 -7.81
C ALA A 54 -4.01 8.97 -9.00
N ASP A 55 -3.39 8.88 -10.16
CA ASP A 55 -4.10 8.61 -11.41
C ASP A 55 -4.61 7.17 -11.50
N LEU A 56 -4.70 6.48 -10.36
CA LEU A 56 -5.18 5.10 -10.37
C LEU A 56 -5.95 4.74 -9.12
N THR A 57 -6.55 3.56 -9.14
CA THR A 57 -7.39 3.09 -8.05
C THR A 57 -6.66 2.16 -7.09
N VAL A 58 -7.43 1.67 -6.12
CA VAL A 58 -6.93 0.75 -5.11
C VAL A 58 -6.47 -0.54 -5.77
N GLY A 59 -7.40 -1.21 -6.45
CA GLY A 59 -7.05 -2.44 -7.13
C GLY A 59 -5.99 -2.20 -8.16
N GLN A 60 -5.88 -0.95 -8.61
CA GLN A 60 -4.86 -0.58 -9.57
C GLN A 60 -3.52 -0.59 -8.85
N PHE A 61 -3.55 -0.17 -7.58
CA PHE A 61 -2.36 -0.20 -6.74
C PHE A 61 -1.94 -1.66 -6.60
N VAL A 62 -2.95 -2.51 -6.52
CA VAL A 62 -2.72 -3.95 -6.45
C VAL A 62 -2.12 -4.39 -7.76
N TYR A 63 -2.66 -3.83 -8.83
CA TYR A 63 -2.19 -4.11 -10.18
C TYR A 63 -0.76 -3.63 -10.29
N VAL A 64 -0.41 -2.65 -9.45
CA VAL A 64 0.93 -2.12 -9.41
C VAL A 64 1.84 -3.15 -8.78
N ILE A 65 1.41 -3.70 -7.64
CA ILE A 65 2.15 -4.76 -6.99
C ILE A 65 2.18 -5.91 -7.98
N ARG A 66 1.21 -5.85 -8.89
CA ARG A 66 1.04 -6.77 -10.01
C ARG A 66 1.19 -8.25 -9.64
N LYS A 67 1.08 -8.53 -8.35
CA LYS A 67 1.15 -9.90 -7.82
C LYS A 67 2.08 -10.81 -8.60
N ARG A 68 3.16 -10.23 -9.11
CA ARG A 68 4.15 -11.00 -9.85
C ARG A 68 5.37 -11.23 -8.98
N ILE A 69 5.33 -10.65 -7.78
CA ILE A 69 6.41 -10.77 -6.82
C ILE A 69 6.45 -12.17 -6.22
N LYS A 70 7.07 -13.11 -6.95
CA LYS A 70 7.17 -14.51 -6.53
C LYS A 70 5.80 -15.11 -6.19
N LEU A 71 4.73 -14.40 -6.55
CA LEU A 71 3.36 -14.86 -6.32
C LEU A 71 3.02 -16.02 -7.23
N SER A 72 1.96 -16.75 -6.88
CA SER A 72 1.51 -17.88 -7.68
C SER A 72 0.83 -17.39 -8.95
N ALA A 73 0.58 -18.31 -9.87
CA ALA A 73 -0.05 -17.99 -11.14
C ALA A 73 -1.37 -17.26 -10.98
N GLU A 74 -2.40 -18.03 -10.66
CA GLU A 74 -3.76 -17.51 -10.52
C GLU A 74 -3.95 -16.70 -9.23
N LYS A 75 -2.93 -16.65 -8.37
CA LYS A 75 -3.05 -15.92 -7.12
C LYS A 75 -2.77 -14.43 -7.31
N ALA A 76 -3.04 -13.65 -6.25
CA ALA A 76 -2.85 -12.22 -6.26
C ALA A 76 -2.58 -11.70 -4.85
N ILE A 77 -2.43 -10.38 -4.72
CA ILE A 77 -2.18 -9.78 -3.42
C ILE A 77 -3.48 -9.34 -2.76
N PHE A 78 -3.37 -8.86 -1.51
CA PHE A 78 -4.53 -8.42 -0.74
C PHE A 78 -4.06 -7.42 0.31
N ILE A 79 -4.66 -6.24 0.31
CA ILE A 79 -4.26 -5.22 1.24
C ILE A 79 -5.22 -5.07 2.40
N PHE A 80 -4.63 -4.87 3.56
CA PHE A 80 -5.40 -4.68 4.78
C PHE A 80 -4.88 -3.47 5.51
N VAL A 81 -5.80 -2.58 5.82
CA VAL A 81 -5.48 -1.34 6.47
C VAL A 81 -6.57 -0.98 7.47
N ASP A 82 -6.18 -0.81 8.73
CA ASP A 82 -7.12 -0.50 9.79
C ASP A 82 -8.14 -1.63 9.90
N ASN A 83 -7.66 -2.86 9.65
CA ASN A 83 -8.51 -4.05 9.71
C ASN A 83 -9.63 -3.98 8.68
N VAL A 84 -9.29 -3.58 7.47
CA VAL A 84 -10.27 -3.45 6.40
C VAL A 84 -9.71 -3.95 5.08
N LEU A 85 -10.60 -4.18 4.13
CA LEU A 85 -10.24 -4.63 2.80
C LEU A 85 -10.72 -3.60 1.77
N PRO A 86 -9.87 -2.62 1.44
CA PRO A 86 -10.18 -1.55 0.49
C PRO A 86 -11.00 -2.02 -0.71
N PRO A 87 -11.60 -1.06 -1.45
CA PRO A 87 -12.46 -1.35 -2.62
C PRO A 87 -11.70 -1.94 -3.78
N ALA A 88 -10.38 -1.88 -3.72
CA ALA A 88 -9.53 -2.39 -4.78
C ALA A 88 -10.18 -2.19 -6.15
N GLY A 89 -10.42 -0.91 -6.47
CA GLY A 89 -11.03 -0.55 -7.73
C GLY A 89 -11.60 0.85 -7.69
N ALA A 90 -11.82 1.36 -6.47
CA ALA A 90 -12.34 2.71 -6.27
C ALA A 90 -11.43 3.74 -6.94
N LEU A 91 -10.59 4.39 -6.13
CA LEU A 91 -9.66 5.41 -6.60
C LEU A 91 -8.82 5.92 -5.45
N MET A 92 -7.65 5.34 -5.26
CA MET A 92 -6.76 5.73 -4.17
C MET A 92 -6.69 7.24 -4.02
N SER A 93 -6.93 7.97 -5.11
CA SER A 93 -6.89 9.43 -5.11
C SER A 93 -8.09 10.01 -4.40
N SER A 94 -9.22 10.08 -5.12
CA SER A 94 -10.44 10.60 -4.55
C SER A 94 -10.64 9.97 -3.18
N VAL A 95 -10.34 8.68 -3.11
CA VAL A 95 -10.45 7.95 -1.87
C VAL A 95 -9.53 8.55 -0.81
N TYR A 96 -8.29 8.83 -1.20
CA TYR A 96 -7.33 9.41 -0.28
C TYR A 96 -7.88 10.72 0.29
N GLU A 97 -8.66 11.43 -0.50
CA GLU A 97 -9.22 12.70 -0.06
C GLU A 97 -10.69 12.61 0.33
N GLU A 98 -11.29 11.43 0.20
CA GLU A 98 -12.70 11.25 0.53
C GLU A 98 -12.94 10.41 1.77
N LYS A 99 -12.08 9.44 2.05
CA LYS A 99 -12.29 8.60 3.22
C LYS A 99 -11.00 8.34 4.00
N LYS A 100 -9.95 7.89 3.33
CA LYS A 100 -8.71 7.60 4.03
C LYS A 100 -7.59 8.58 3.77
N ASP A 101 -7.15 9.22 4.86
CA ASP A 101 -6.06 10.17 4.81
C ASP A 101 -5.52 10.44 6.21
N ASP A 102 -4.35 9.90 6.52
CA ASP A 102 -3.75 10.12 7.83
C ASP A 102 -3.45 11.60 7.99
N ASP A 103 -3.25 12.26 6.84
CA ASP A 103 -2.95 13.69 6.78
C ASP A 103 -2.79 14.11 5.32
N GLY A 104 -2.06 13.30 4.57
CA GLY A 104 -1.83 13.53 3.17
C GLY A 104 -1.12 12.35 2.53
N PHE A 105 -0.28 11.69 3.34
CA PHE A 105 0.48 10.53 2.90
C PHE A 105 -0.37 9.26 3.09
N LEU A 106 -0.25 8.31 2.16
CA LEU A 106 -1.03 7.08 2.24
C LEU A 106 -0.17 5.90 2.71
N TYR A 107 -0.65 5.22 3.76
CA TYR A 107 0.06 4.07 4.31
C TYR A 107 -0.78 2.81 4.18
N VAL A 108 -0.25 1.86 3.41
CA VAL A 108 -0.93 0.61 3.16
C VAL A 108 -0.11 -0.59 3.58
N THR A 109 -0.79 -1.58 4.14
CA THR A 109 -0.15 -2.80 4.55
C THR A 109 -0.75 -3.94 3.73
N TYR A 110 0.08 -4.56 2.89
CA TYR A 110 -0.39 -5.62 2.02
C TYR A 110 -0.19 -7.00 2.63
N SER A 111 -0.68 -8.02 1.92
CA SER A 111 -0.58 -9.40 2.36
C SER A 111 -0.93 -10.35 1.21
N GLY A 112 -0.16 -11.42 1.06
CA GLY A 112 -0.42 -12.37 -0.01
C GLY A 112 -1.38 -13.47 0.39
N GLU A 113 -1.67 -14.38 -0.55
CA GLU A 113 -2.59 -15.49 -0.28
C GLU A 113 -2.05 -16.78 -0.89
N ASN A 114 -2.05 -17.85 -0.07
CA ASN A 114 -1.57 -19.16 -0.50
C ASN A 114 -0.38 -19.03 -1.44
N THR A 115 0.48 -18.05 -1.16
CA THR A 115 1.64 -17.80 -1.98
C THR A 115 2.89 -18.43 -1.39
N PHE A 116 3.24 -18.03 -0.17
CA PHE A 116 4.40 -18.56 0.52
C PHE A 116 4.00 -19.55 1.60
N GLY A 117 4.53 -20.77 1.53
CA GLY A 117 4.21 -21.79 2.51
C GLY A 117 4.40 -23.19 1.96
N PHE A 118 4.83 -23.28 0.71
CA PHE A 118 5.04 -24.58 0.08
C PHE A 118 6.35 -25.21 0.55
N GLY A 119 7.45 -24.53 0.30
CA GLY A 119 8.75 -25.02 0.72
C GLY A 119 9.76 -23.91 0.95
N SER A 120 10.70 -24.15 1.86
CA SER A 120 11.73 -23.16 2.17
C SER A 120 13.12 -23.63 1.73
N PRO A 121 13.56 -24.84 2.14
CA PRO A 121 14.87 -25.37 1.76
C PRO A 121 14.90 -25.91 0.34
N MET A 1 -2.15 -3.24 15.20
CA MET A 1 -2.54 -4.66 15.34
C MET A 1 -2.08 -5.48 14.13
N ALA A 2 -2.25 -4.89 12.94
CA ALA A 2 -1.86 -5.56 11.71
C ALA A 2 -0.62 -4.90 11.10
N LYS A 3 -0.77 -3.65 10.68
CA LYS A 3 0.34 -2.90 10.08
C LYS A 3 1.45 -2.69 11.11
N SER A 4 2.70 -2.63 10.64
CA SER A 4 3.83 -2.43 11.55
C SER A 4 5.07 -1.92 10.81
N SER A 5 5.32 -0.62 10.92
CA SER A 5 6.48 0.00 10.27
C SER A 5 6.52 1.50 10.55
N PHE A 6 5.45 2.19 10.21
CA PHE A 6 5.37 3.63 10.44
C PHE A 6 5.50 3.94 11.92
N LYS A 7 5.09 3.00 12.76
CA LYS A 7 5.18 3.17 14.20
C LYS A 7 6.63 3.09 14.65
N GLN A 8 7.47 2.48 13.83
CA GLN A 8 8.90 2.33 14.12
C GLN A 8 9.70 3.38 13.36
N GLU A 9 9.11 3.90 12.30
CA GLU A 9 9.75 4.91 11.46
C GLU A 9 8.92 6.18 11.41
N HIS A 10 8.28 6.50 12.54
CA HIS A 10 7.45 7.68 12.64
C HIS A 10 8.24 8.95 12.31
N ASP A 11 7.63 9.83 11.52
CA ASP A 11 8.28 11.08 11.13
C ASP A 11 7.29 11.93 10.34
N LEU A 12 6.29 12.45 11.04
CA LEU A 12 5.27 13.27 10.43
C LEU A 12 5.89 14.46 9.69
N GLU A 13 7.12 14.80 10.05
CA GLU A 13 7.81 15.92 9.40
C GLU A 13 7.96 15.65 7.92
N LYS A 14 8.70 14.60 7.59
CA LYS A 14 8.94 14.22 6.21
C LYS A 14 7.65 13.68 5.56
N ARG A 15 6.83 13.02 6.36
CA ARG A 15 5.58 12.47 5.85
C ARG A 15 4.64 13.58 5.40
N ARG A 16 4.27 14.46 6.34
CA ARG A 16 3.37 15.56 6.04
C ARG A 16 3.98 16.47 4.98
N ALA A 17 5.29 16.70 5.07
CA ALA A 17 5.95 17.57 4.10
C ALA A 17 5.86 17.01 2.70
N GLU A 18 6.29 15.78 2.54
CA GLU A 18 6.27 15.16 1.23
C GLU A 18 4.86 15.10 0.69
N ALA A 19 3.90 14.92 1.59
CA ALA A 19 2.49 14.85 1.24
C ALA A 19 1.99 16.16 0.64
N ALA A 20 2.22 17.24 1.36
CA ALA A 20 1.78 18.55 0.93
C ALA A 20 2.71 19.11 -0.13
N ARG A 21 3.95 18.64 -0.10
CA ARG A 21 4.93 19.11 -1.06
C ARG A 21 4.56 18.62 -2.45
N ILE A 22 4.15 17.35 -2.55
CA ILE A 22 3.74 16.79 -3.81
C ILE A 22 2.38 17.36 -4.23
N ARG A 23 1.45 17.40 -3.26
CA ARG A 23 0.12 17.94 -3.53
C ARG A 23 0.20 19.39 -4.01
N GLU A 24 1.25 20.08 -3.58
CA GLU A 24 1.48 21.46 -3.98
C GLU A 24 2.34 21.49 -5.23
N LYS A 25 3.26 20.53 -5.30
CA LYS A 25 4.16 20.41 -6.41
C LYS A 25 3.40 20.40 -7.73
N TYR A 26 2.56 19.37 -7.91
CA TYR A 26 1.73 19.22 -9.13
C TYR A 26 1.42 17.74 -9.40
N PRO A 27 2.45 16.85 -9.40
CA PRO A 27 2.25 15.43 -9.68
C PRO A 27 1.06 14.84 -8.91
N ASP A 28 0.85 15.33 -7.69
CA ASP A 28 -0.23 14.84 -6.86
C ASP A 28 -0.28 13.31 -6.88
N ARG A 29 0.86 12.70 -6.59
CA ARG A 29 0.97 11.24 -6.59
C ARG A 29 0.68 10.69 -5.20
N ILE A 30 -0.12 9.63 -5.17
CA ILE A 30 -0.52 8.97 -3.92
C ILE A 30 0.67 8.37 -3.19
N PRO A 31 1.09 8.95 -2.06
CA PRO A 31 2.18 8.38 -1.29
C PRO A 31 1.74 7.07 -0.66
N VAL A 32 2.26 5.95 -1.14
CA VAL A 32 1.85 4.67 -0.61
C VAL A 32 2.95 3.99 0.20
N ILE A 33 2.59 3.57 1.40
CA ILE A 33 3.49 2.88 2.28
C ILE A 33 3.03 1.43 2.41
N VAL A 34 3.55 0.55 1.55
CA VAL A 34 3.14 -0.84 1.59
C VAL A 34 3.78 -1.52 2.80
N GLU A 35 3.00 -2.31 3.52
CA GLU A 35 3.52 -2.98 4.71
C GLU A 35 2.98 -4.39 4.85
N LYS A 36 3.87 -5.34 5.11
CA LYS A 36 3.47 -6.73 5.25
C LYS A 36 2.69 -6.97 6.53
N ALA A 37 1.70 -7.85 6.43
CA ALA A 37 0.86 -8.19 7.55
C ALA A 37 1.44 -9.37 8.33
N GLU A 38 0.91 -9.65 9.51
CA GLU A 38 1.39 -10.74 10.34
C GLU A 38 0.75 -12.06 9.92
N LYS A 39 -0.42 -11.98 9.32
CA LYS A 39 -1.15 -13.17 8.91
C LYS A 39 -1.03 -13.37 7.40
N SER A 40 0.19 -13.28 6.89
CA SER A 40 0.44 -13.46 5.46
C SER A 40 1.92 -13.71 5.19
N ASP A 41 2.20 -14.40 4.09
CA ASP A 41 3.57 -14.71 3.70
C ASP A 41 3.78 -14.45 2.21
N ILE A 42 3.98 -13.18 1.85
CA ILE A 42 4.18 -12.80 0.46
C ILE A 42 5.40 -11.87 0.33
N PRO A 43 6.60 -12.35 0.75
CA PRO A 43 7.83 -11.54 0.72
C PRO A 43 8.59 -11.53 -0.60
N THR A 44 9.00 -10.32 -1.01
CA THR A 44 9.77 -10.09 -2.24
C THR A 44 9.65 -8.64 -2.69
N ILE A 45 8.44 -8.12 -2.62
CA ILE A 45 8.13 -6.76 -3.04
C ILE A 45 8.79 -5.71 -2.15
N ASP A 46 9.46 -4.75 -2.77
CA ASP A 46 10.07 -3.67 -2.02
C ASP A 46 8.95 -2.73 -1.60
N LYS A 47 8.36 -3.01 -0.46
CA LYS A 47 7.24 -2.23 0.04
C LYS A 47 7.67 -0.88 0.60
N LYS A 48 8.16 -0.88 1.84
CA LYS A 48 8.60 0.34 2.50
C LYS A 48 7.74 1.54 2.09
N LYS A 49 8.39 2.67 1.82
CA LYS A 49 7.69 3.89 1.42
C LYS A 49 8.04 4.30 -0.01
N TYR A 50 7.01 4.58 -0.80
CA TYR A 50 7.22 5.01 -2.19
C TYR A 50 5.98 5.71 -2.73
N LEU A 51 6.20 6.86 -3.36
CA LEU A 51 5.10 7.65 -3.92
C LEU A 51 4.58 7.04 -5.21
N VAL A 52 3.29 6.69 -5.22
CA VAL A 52 2.67 6.11 -6.40
C VAL A 52 1.59 7.07 -6.92
N PRO A 53 1.57 7.35 -8.23
CA PRO A 53 0.60 8.30 -8.81
C PRO A 53 -0.84 8.04 -8.36
N ALA A 54 -1.57 9.13 -8.20
CA ALA A 54 -2.96 9.10 -7.77
C ALA A 54 -3.88 8.81 -8.95
N ASP A 55 -3.28 8.66 -10.11
CA ASP A 55 -3.99 8.41 -11.34
C ASP A 55 -4.58 7.01 -11.41
N LEU A 56 -4.73 6.35 -10.26
CA LEU A 56 -5.29 5.00 -10.24
C LEU A 56 -6.06 4.69 -8.96
N THR A 57 -6.71 3.54 -8.97
CA THR A 57 -7.54 3.11 -7.85
C THR A 57 -6.81 2.18 -6.88
N VAL A 58 -7.58 1.62 -5.94
CA VAL A 58 -7.06 0.71 -4.94
C VAL A 58 -6.65 -0.60 -5.61
N GLY A 59 -7.61 -1.23 -6.28
CA GLY A 59 -7.32 -2.47 -6.98
C GLY A 59 -6.27 -2.24 -8.04
N GLN A 60 -6.19 -1.00 -8.52
CA GLN A 60 -5.18 -0.63 -9.50
C GLN A 60 -3.84 -0.64 -8.81
N PHE A 61 -3.84 -0.20 -7.55
CA PHE A 61 -2.64 -0.21 -6.74
C PHE A 61 -2.21 -1.66 -6.55
N VAL A 62 -3.20 -2.53 -6.48
CA VAL A 62 -2.96 -3.97 -6.38
C VAL A 62 -2.33 -4.41 -7.69
N TYR A 63 -2.90 -3.89 -8.77
CA TYR A 63 -2.40 -4.18 -10.11
C TYR A 63 -0.99 -3.63 -10.22
N VAL A 64 -0.69 -2.63 -9.39
CA VAL A 64 0.64 -2.05 -9.36
C VAL A 64 1.58 -3.06 -8.74
N ILE A 65 1.19 -3.62 -7.59
CA ILE A 65 1.94 -4.66 -6.95
C ILE A 65 1.99 -5.83 -7.93
N ARG A 66 0.98 -5.81 -8.81
CA ARG A 66 0.81 -6.75 -9.90
C ARG A 66 1.07 -8.20 -9.51
N LYS A 67 0.99 -8.50 -8.21
CA LYS A 67 1.17 -9.86 -7.71
C LYS A 67 2.16 -10.65 -8.56
N ARG A 68 3.28 -10.03 -8.92
CA ARG A 68 4.31 -10.69 -9.70
C ARG A 68 5.52 -10.93 -8.81
N ILE A 69 5.42 -10.44 -7.59
CA ILE A 69 6.46 -10.57 -6.60
C ILE A 69 6.52 -12.01 -6.08
N LYS A 70 7.17 -12.88 -6.85
CA LYS A 70 7.28 -14.31 -6.51
C LYS A 70 5.89 -14.94 -6.30
N LEU A 71 4.86 -14.22 -6.71
CA LEU A 71 3.47 -14.71 -6.58
C LEU A 71 3.14 -15.76 -7.62
N SER A 72 2.07 -16.50 -7.36
CA SER A 72 1.62 -17.55 -8.27
C SER A 72 0.84 -16.95 -9.44
N ALA A 73 0.57 -17.78 -10.44
CA ALA A 73 -0.16 -17.34 -11.62
C ALA A 73 -1.52 -16.75 -11.30
N GLU A 74 -2.46 -17.64 -11.02
CA GLU A 74 -3.84 -17.26 -10.73
C GLU A 74 -3.98 -16.54 -9.38
N LYS A 75 -2.92 -16.51 -8.59
CA LYS A 75 -2.99 -15.85 -7.28
C LYS A 75 -2.80 -14.34 -7.42
N ALA A 76 -3.09 -13.63 -6.32
CA ALA A 76 -2.97 -12.18 -6.29
C ALA A 76 -2.69 -11.70 -4.88
N ILE A 77 -2.60 -10.38 -4.71
CA ILE A 77 -2.35 -9.80 -3.40
C ILE A 77 -3.67 -9.38 -2.74
N PHE A 78 -3.57 -8.90 -1.50
CA PHE A 78 -4.75 -8.48 -0.74
C PHE A 78 -4.32 -7.52 0.34
N ILE A 79 -4.89 -6.32 0.32
CA ILE A 79 -4.51 -5.32 1.30
C ILE A 79 -5.48 -5.25 2.46
N PHE A 80 -4.91 -5.15 3.64
CA PHE A 80 -5.67 -5.05 4.87
C PHE A 80 -5.04 -4.01 5.77
N VAL A 81 -5.88 -3.09 6.21
CA VAL A 81 -5.44 -2.00 7.04
C VAL A 81 -6.49 -1.69 8.09
N ASP A 82 -6.08 -1.68 9.35
CA ASP A 82 -7.03 -1.42 10.43
C ASP A 82 -8.14 -2.47 10.38
N ASN A 83 -7.75 -3.69 9.98
CA ASN A 83 -8.69 -4.80 9.86
C ASN A 83 -9.74 -4.50 8.79
N VAL A 84 -9.28 -4.04 7.63
CA VAL A 84 -10.19 -3.71 6.55
C VAL A 84 -9.73 -4.31 5.23
N LEU A 85 -10.57 -4.14 4.25
CA LEU A 85 -10.32 -4.61 2.90
C LEU A 85 -10.77 -3.54 1.92
N PRO A 86 -9.87 -2.59 1.60
CA PRO A 86 -10.16 -1.48 0.68
C PRO A 86 -11.02 -1.88 -0.52
N PRO A 87 -11.61 -0.89 -1.21
CA PRO A 87 -12.51 -1.12 -2.34
C PRO A 87 -11.83 -1.72 -3.55
N ALA A 88 -10.50 -1.83 -3.49
CA ALA A 88 -9.72 -2.37 -4.58
C ALA A 88 -10.39 -2.10 -5.93
N GLY A 89 -10.63 -0.81 -6.16
CA GLY A 89 -11.28 -0.34 -7.36
C GLY A 89 -11.60 1.14 -7.24
N ALA A 90 -11.67 1.61 -5.99
CA ALA A 90 -11.95 3.01 -5.71
C ALA A 90 -10.68 3.82 -5.89
N LEU A 91 -10.82 5.02 -6.42
CA LEU A 91 -9.69 5.89 -6.66
C LEU A 91 -8.90 6.23 -5.41
N MET A 92 -7.82 5.49 -5.16
CA MET A 92 -6.96 5.74 -3.99
C MET A 92 -6.73 7.25 -3.84
N SER A 93 -6.85 7.97 -4.96
CA SER A 93 -6.67 9.44 -4.99
C SER A 93 -7.86 10.13 -4.35
N SER A 94 -8.97 10.23 -5.11
CA SER A 94 -10.18 10.85 -4.59
C SER A 94 -10.36 10.35 -3.18
N VAL A 95 -10.32 9.03 -3.08
CA VAL A 95 -10.44 8.35 -1.80
C VAL A 95 -9.51 8.98 -0.77
N TYR A 96 -8.25 9.13 -1.14
CA TYR A 96 -7.24 9.71 -0.25
C TYR A 96 -7.69 11.07 0.25
N GLU A 97 -8.46 11.79 -0.56
CA GLU A 97 -8.93 13.12 -0.17
C GLU A 97 -10.44 13.20 0.02
N GLU A 98 -11.11 12.05 -0.02
CA GLU A 98 -12.56 12.05 0.11
C GLU A 98 -13.07 11.23 1.29
N LYS A 99 -12.40 10.13 1.61
CA LYS A 99 -12.88 9.28 2.71
C LYS A 99 -11.76 8.87 3.66
N LYS A 100 -10.54 8.74 3.15
CA LYS A 100 -9.45 8.33 4.01
C LYS A 100 -8.16 9.11 3.77
N ASP A 101 -7.59 9.61 4.87
CA ASP A 101 -6.35 10.36 4.85
C ASP A 101 -5.76 10.44 6.24
N ASP A 102 -4.48 10.77 6.32
CA ASP A 102 -3.79 10.91 7.59
C ASP A 102 -3.18 12.30 7.70
N ASP A 103 -2.97 12.93 6.55
CA ASP A 103 -2.39 14.27 6.47
C ASP A 103 -2.16 14.63 5.00
N GLY A 104 -1.75 13.63 4.24
CA GLY A 104 -1.50 13.79 2.83
C GLY A 104 -0.84 12.53 2.29
N PHE A 105 -0.14 11.83 3.18
CA PHE A 105 0.54 10.59 2.87
C PHE A 105 -0.38 9.41 3.12
N LEU A 106 -0.31 8.38 2.27
CA LEU A 106 -1.17 7.21 2.42
C LEU A 106 -0.38 6.02 2.98
N TYR A 107 -0.99 5.34 3.96
CA TYR A 107 -0.36 4.20 4.61
C TYR A 107 -1.21 2.94 4.48
N VAL A 108 -0.62 1.92 3.87
CA VAL A 108 -1.31 0.65 3.64
C VAL A 108 -0.48 -0.53 4.10
N THR A 109 -1.15 -1.65 4.28
CA THR A 109 -0.49 -2.89 4.67
C THR A 109 -0.98 -4.00 3.77
N TYR A 110 -0.08 -4.58 3.00
CA TYR A 110 -0.44 -5.64 2.06
C TYR A 110 -0.30 -7.02 2.69
N SER A 111 -1.02 -7.97 2.10
CA SER A 111 -1.03 -9.34 2.57
C SER A 111 -1.44 -10.29 1.43
N GLY A 112 -0.75 -11.42 1.31
CA GLY A 112 -1.08 -12.35 0.24
C GLY A 112 -1.48 -13.73 0.72
N GLU A 113 -1.26 -14.72 -0.14
CA GLU A 113 -1.60 -16.10 0.16
C GLU A 113 -0.38 -16.85 0.68
N ASN A 114 -0.52 -18.16 0.86
CA ASN A 114 0.59 -18.99 1.32
C ASN A 114 1.68 -19.04 0.24
N THR A 115 1.52 -18.18 -0.77
CA THR A 115 2.44 -18.05 -1.88
C THR A 115 3.88 -18.32 -1.48
N PHE A 116 4.61 -18.96 -2.40
CA PHE A 116 6.01 -19.30 -2.19
C PHE A 116 6.17 -20.32 -1.08
N GLY A 117 6.41 -21.57 -1.47
CA GLY A 117 6.59 -22.64 -0.50
C GLY A 117 7.31 -23.84 -1.10
N PHE A 118 8.15 -24.47 -0.29
CA PHE A 118 8.92 -25.63 -0.75
C PHE A 118 9.79 -25.29 -1.95
N GLY A 119 10.44 -26.30 -2.50
CA GLY A 119 11.31 -26.09 -3.65
C GLY A 119 12.64 -25.46 -3.28
N SER A 120 13.68 -25.86 -3.99
CA SER A 120 15.03 -25.33 -3.73
C SER A 120 15.31 -24.07 -4.56
N PRO A 121 15.08 -24.09 -5.89
CA PRO A 121 15.31 -22.93 -6.75
C PRO A 121 14.35 -21.79 -6.45
N MET A 1 1.36 -6.85 17.22
CA MET A 1 1.30 -5.63 16.38
C MET A 1 1.07 -5.99 14.91
N ALA A 2 -0.03 -5.49 14.35
CA ALA A 2 -0.38 -5.78 12.96
C ALA A 2 -0.52 -4.48 12.17
N LYS A 3 -0.08 -4.51 10.91
CA LYS A 3 -0.18 -3.32 10.05
C LYS A 3 0.52 -2.14 10.72
N SER A 4 1.85 -2.23 10.86
CA SER A 4 2.62 -1.16 11.50
C SER A 4 4.12 -1.26 11.18
N SER A 5 4.69 -0.14 10.74
CA SER A 5 6.12 -0.05 10.42
C SER A 5 6.47 1.36 9.99
N PHE A 6 5.61 1.95 9.16
CA PHE A 6 5.84 3.30 8.67
C PHE A 6 5.82 4.31 9.83
N LYS A 7 4.75 4.29 10.62
CA LYS A 7 4.61 5.21 11.74
C LYS A 7 5.70 4.99 12.78
N GLN A 8 6.31 3.81 12.77
CA GLN A 8 7.38 3.49 13.73
C GLN A 8 8.73 3.76 13.10
N GLU A 9 8.73 3.84 11.78
CA GLU A 9 9.94 4.05 11.01
C GLU A 9 9.83 5.31 10.15
N HIS A 10 9.30 6.37 10.74
CA HIS A 10 9.14 7.63 10.03
C HIS A 10 8.92 8.80 10.99
N ASP A 11 8.58 9.96 10.43
CA ASP A 11 8.35 11.16 11.20
C ASP A 11 7.41 12.02 10.39
N LEU A 12 6.27 12.32 10.96
CA LEU A 12 5.27 13.07 10.24
C LEU A 12 5.84 14.35 9.64
N GLU A 13 6.84 14.94 10.25
CA GLU A 13 7.44 16.14 9.69
C GLU A 13 7.71 15.91 8.20
N LYS A 14 8.41 14.82 7.91
CA LYS A 14 8.75 14.45 6.53
C LYS A 14 7.52 13.88 5.81
N ARG A 15 6.72 13.09 6.52
CA ARG A 15 5.52 12.50 5.92
C ARG A 15 4.57 13.59 5.44
N ARG A 16 4.12 14.39 6.39
CA ARG A 16 3.22 15.51 6.11
C ARG A 16 3.83 16.43 5.07
N ALA A 17 5.13 16.73 5.21
CA ALA A 17 5.79 17.63 4.28
C ALA A 17 5.74 17.10 2.87
N GLU A 18 6.18 15.86 2.70
CA GLU A 18 6.21 15.24 1.39
C GLU A 18 4.80 15.19 0.80
N ALA A 19 3.82 15.02 1.67
CA ALA A 19 2.42 14.94 1.27
C ALA A 19 1.94 16.27 0.69
N ALA A 20 2.17 17.34 1.43
CA ALA A 20 1.72 18.64 0.99
C ALA A 20 2.65 19.18 -0.08
N ARG A 21 3.90 18.75 -0.01
CA ARG A 21 4.90 19.19 -0.94
C ARG A 21 4.53 18.68 -2.32
N ILE A 22 4.06 17.42 -2.40
CA ILE A 22 3.65 16.85 -3.66
C ILE A 22 2.35 17.46 -4.16
N ARG A 23 1.31 17.54 -3.29
CA ARG A 23 0.04 18.13 -3.71
C ARG A 23 0.24 19.58 -4.16
N GLU A 24 1.27 20.21 -3.64
CA GLU A 24 1.58 21.59 -3.99
C GLU A 24 2.52 21.60 -5.19
N LYS A 25 3.35 20.59 -5.25
CA LYS A 25 4.31 20.44 -6.34
C LYS A 25 3.57 20.41 -7.67
N TYR A 26 2.76 19.36 -7.85
CA TYR A 26 1.95 19.16 -9.08
C TYR A 26 1.63 17.68 -9.32
N PRO A 27 2.65 16.79 -9.27
CA PRO A 27 2.45 15.35 -9.51
C PRO A 27 1.22 14.78 -8.79
N ASP A 28 0.86 15.36 -7.65
CA ASP A 28 -0.29 14.90 -6.87
C ASP A 28 -0.34 13.37 -6.85
N ARG A 29 0.81 12.77 -6.57
CA ARG A 29 0.92 11.31 -6.53
C ARG A 29 0.65 10.76 -5.14
N ILE A 30 -0.27 9.81 -5.06
CA ILE A 30 -0.64 9.17 -3.82
C ILE A 30 0.55 8.52 -3.14
N PRO A 31 1.04 9.07 -2.03
CA PRO A 31 2.15 8.47 -1.30
C PRO A 31 1.75 7.11 -0.77
N VAL A 32 2.31 6.04 -1.32
CA VAL A 32 1.94 4.70 -0.89
C VAL A 32 3.05 4.03 -0.10
N ILE A 33 2.65 3.42 1.02
CA ILE A 33 3.58 2.70 1.89
C ILE A 33 3.18 1.24 1.99
N VAL A 34 3.80 0.38 1.20
CA VAL A 34 3.46 -1.04 1.27
C VAL A 34 4.07 -1.60 2.54
N GLU A 35 3.27 -2.32 3.32
CA GLU A 35 3.76 -2.88 4.57
C GLU A 35 3.20 -4.27 4.81
N LYS A 36 4.07 -5.20 5.20
CA LYS A 36 3.65 -6.57 5.46
C LYS A 36 2.79 -6.68 6.71
N ALA A 37 1.62 -7.31 6.56
CA ALA A 37 0.71 -7.50 7.68
C ALA A 37 1.30 -8.47 8.70
N GLU A 38 0.68 -8.57 9.87
CA GLU A 38 1.17 -9.47 10.91
C GLU A 38 0.96 -10.92 10.50
N LYS A 39 -0.06 -11.15 9.68
CA LYS A 39 -0.39 -12.48 9.20
C LYS A 39 -0.10 -12.60 7.71
N SER A 40 0.77 -11.74 7.21
CA SER A 40 1.12 -11.74 5.79
C SER A 40 2.39 -12.55 5.54
N ASP A 41 2.47 -13.14 4.36
CA ASP A 41 3.63 -13.93 3.96
C ASP A 41 3.85 -13.82 2.46
N ILE A 42 4.03 -12.57 2.00
CA ILE A 42 4.23 -12.30 0.58
C ILE A 42 5.55 -11.52 0.37
N PRO A 43 6.70 -12.10 0.76
CA PRO A 43 8.01 -11.45 0.65
C PRO A 43 8.56 -11.32 -0.77
N THR A 44 9.83 -10.87 -0.83
CA THR A 44 10.57 -10.65 -2.08
C THR A 44 10.41 -9.22 -2.58
N ILE A 45 9.27 -8.62 -2.27
CA ILE A 45 8.97 -7.26 -2.69
C ILE A 45 9.56 -6.22 -1.76
N ASP A 46 10.25 -5.25 -2.34
CA ASP A 46 10.80 -4.15 -1.55
C ASP A 46 9.67 -3.16 -1.33
N LYS A 47 8.92 -3.40 -0.28
CA LYS A 47 7.75 -2.57 0.05
C LYS A 47 8.16 -1.16 0.45
N LYS A 48 8.57 -0.98 1.69
CA LYS A 48 8.98 0.32 2.20
C LYS A 48 8.02 1.42 1.77
N LYS A 49 8.56 2.60 1.49
CA LYS A 49 7.76 3.75 1.09
C LYS A 49 8.08 4.21 -0.33
N TYR A 50 7.04 4.53 -1.09
CA TYR A 50 7.21 5.02 -2.45
C TYR A 50 5.94 5.72 -2.94
N LEU A 51 6.12 6.90 -3.52
CA LEU A 51 5.00 7.70 -4.02
C LEU A 51 4.42 7.12 -5.30
N VAL A 52 3.10 6.90 -5.31
CA VAL A 52 2.42 6.37 -6.50
C VAL A 52 1.34 7.36 -6.96
N PRO A 53 1.32 7.72 -8.25
CA PRO A 53 0.34 8.69 -8.78
C PRO A 53 -1.09 8.41 -8.32
N ALA A 54 -1.80 9.48 -7.96
CA ALA A 54 -3.18 9.39 -7.51
C ALA A 54 -4.11 9.06 -8.66
N ASP A 55 -3.54 9.02 -9.86
CA ASP A 55 -4.30 8.73 -11.06
C ASP A 55 -4.69 7.24 -11.13
N LEU A 56 -4.69 6.57 -9.98
CA LEU A 56 -5.04 5.16 -9.94
C LEU A 56 -6.01 4.84 -8.82
N THR A 57 -6.44 3.59 -8.85
CA THR A 57 -7.36 3.06 -7.87
C THR A 57 -6.65 2.10 -6.95
N VAL A 58 -7.39 1.63 -5.97
CA VAL A 58 -6.86 0.69 -5.02
C VAL A 58 -6.36 -0.56 -5.74
N GLY A 59 -7.25 -1.18 -6.50
CA GLY A 59 -6.90 -2.37 -7.25
C GLY A 59 -5.82 -2.07 -8.27
N GLN A 60 -5.70 -0.81 -8.68
CA GLN A 60 -4.67 -0.43 -9.61
C GLN A 60 -3.33 -0.49 -8.91
N PHE A 61 -3.35 -0.11 -7.63
CA PHE A 61 -2.16 -0.18 -6.80
C PHE A 61 -1.81 -1.65 -6.62
N VAL A 62 -2.84 -2.47 -6.56
CA VAL A 62 -2.67 -3.92 -6.48
C VAL A 62 -2.04 -4.38 -7.77
N TYR A 63 -2.56 -3.83 -8.86
CA TYR A 63 -2.07 -4.12 -10.18
C TYR A 63 -0.64 -3.62 -10.30
N VAL A 64 -0.31 -2.64 -9.46
CA VAL A 64 1.03 -2.09 -9.44
C VAL A 64 1.94 -3.13 -8.83
N ILE A 65 1.55 -3.65 -7.67
CA ILE A 65 2.28 -4.72 -7.04
C ILE A 65 2.30 -5.88 -8.03
N ARG A 66 1.28 -5.84 -8.88
CA ARG A 66 1.07 -6.79 -9.98
C ARG A 66 1.31 -8.23 -9.59
N LYS A 67 1.16 -8.53 -8.30
CA LYS A 67 1.32 -9.89 -7.80
C LYS A 67 2.34 -10.68 -8.63
N ARG A 68 3.47 -10.05 -8.92
CA ARG A 68 4.53 -10.70 -9.67
C ARG A 68 5.72 -10.97 -8.76
N ILE A 69 5.59 -10.49 -7.53
CA ILE A 69 6.60 -10.64 -6.51
C ILE A 69 6.56 -12.06 -5.96
N LYS A 70 7.16 -13.00 -6.69
CA LYS A 70 7.19 -14.42 -6.32
C LYS A 70 5.78 -14.97 -6.08
N LEU A 71 4.77 -14.19 -6.48
CA LEU A 71 3.37 -14.58 -6.33
C LEU A 71 2.98 -15.69 -7.30
N SER A 72 1.86 -16.34 -7.01
CA SER A 72 1.36 -17.42 -7.85
C SER A 72 0.41 -16.86 -8.91
N ALA A 73 0.56 -17.34 -10.14
CA ALA A 73 -0.28 -16.91 -11.25
C ALA A 73 -1.72 -16.71 -10.83
N GLU A 74 -2.37 -17.84 -10.61
CA GLU A 74 -3.76 -17.90 -10.22
C GLU A 74 -4.08 -16.94 -9.09
N LYS A 75 -3.11 -16.76 -8.23
CA LYS A 75 -3.26 -15.92 -7.06
C LYS A 75 -2.88 -14.48 -7.32
N ALA A 76 -3.07 -13.64 -6.30
CA ALA A 76 -2.78 -12.22 -6.37
C ALA A 76 -2.51 -11.67 -4.98
N ILE A 77 -2.37 -10.35 -4.88
CA ILE A 77 -2.11 -9.73 -3.59
C ILE A 77 -3.42 -9.30 -2.92
N PHE A 78 -3.32 -8.91 -1.66
CA PHE A 78 -4.48 -8.50 -0.88
C PHE A 78 -4.04 -7.55 0.22
N ILE A 79 -4.63 -6.37 0.24
CA ILE A 79 -4.25 -5.39 1.23
C ILE A 79 -5.23 -5.30 2.39
N PHE A 80 -4.66 -5.03 3.54
CA PHE A 80 -5.44 -4.89 4.76
C PHE A 80 -4.85 -3.75 5.57
N VAL A 81 -5.71 -2.82 5.89
CA VAL A 81 -5.31 -1.63 6.62
C VAL A 81 -6.37 -1.26 7.62
N ASP A 82 -5.97 -1.09 8.87
CA ASP A 82 -6.91 -0.78 9.93
C ASP A 82 -7.97 -1.87 9.98
N ASN A 83 -7.55 -3.10 9.69
CA ASN A 83 -8.43 -4.26 9.67
C ASN A 83 -9.52 -4.11 8.61
N VAL A 84 -9.10 -3.81 7.38
CA VAL A 84 -10.03 -3.63 6.28
C VAL A 84 -9.55 -4.31 5.01
N LEU A 85 -10.42 -4.27 4.03
CA LEU A 85 -10.17 -4.82 2.72
C LEU A 85 -10.71 -3.86 1.66
N PRO A 86 -9.89 -2.86 1.30
CA PRO A 86 -10.23 -1.82 0.32
C PRO A 86 -11.02 -2.33 -0.89
N PRO A 87 -11.59 -1.40 -1.68
CA PRO A 87 -12.41 -1.71 -2.86
C PRO A 87 -11.59 -2.23 -4.04
N ALA A 88 -10.27 -2.10 -3.93
CA ALA A 88 -9.38 -2.52 -4.99
C ALA A 88 -9.99 -2.26 -6.36
N GLY A 89 -10.26 -0.98 -6.62
CA GLY A 89 -10.85 -0.56 -7.87
C GLY A 89 -11.43 0.84 -7.76
N ALA A 90 -11.72 1.25 -6.52
CA ALA A 90 -12.26 2.58 -6.26
C ALA A 90 -11.37 3.67 -6.87
N LEU A 91 -10.55 4.29 -6.03
CA LEU A 91 -9.64 5.35 -6.46
C LEU A 91 -8.82 5.84 -5.28
N MET A 92 -7.62 5.28 -5.09
CA MET A 92 -6.76 5.65 -3.97
C MET A 92 -6.75 7.16 -3.74
N SER A 93 -6.98 7.93 -4.79
CA SER A 93 -6.98 9.40 -4.71
C SER A 93 -8.28 9.90 -4.09
N SER A 94 -9.34 9.90 -4.89
CA SER A 94 -10.65 10.30 -4.42
C SER A 94 -10.83 9.69 -3.06
N VAL A 95 -10.60 8.39 -3.01
CA VAL A 95 -10.70 7.62 -1.80
C VAL A 95 -9.84 8.22 -0.69
N TYR A 96 -8.59 8.58 -1.02
CA TYR A 96 -7.70 9.17 -0.03
C TYR A 96 -8.37 10.36 0.64
N GLU A 97 -9.24 11.03 -0.12
CA GLU A 97 -9.98 12.19 0.41
C GLU A 97 -11.46 11.87 0.61
N GLU A 98 -11.86 10.64 0.30
CA GLU A 98 -13.25 10.24 0.42
C GLU A 98 -13.55 9.52 1.73
N LYS A 99 -12.61 8.71 2.18
CA LYS A 99 -12.83 7.95 3.41
C LYS A 99 -11.96 8.49 4.54
N LYS A 100 -10.66 8.61 4.31
CA LYS A 100 -9.76 9.13 5.34
C LYS A 100 -8.32 9.27 4.85
N ASP A 101 -7.56 10.02 5.63
CA ASP A 101 -6.15 10.27 5.36
C ASP A 101 -5.45 10.75 6.62
N ASP A 102 -4.36 10.07 6.98
CA ASP A 102 -3.59 10.45 8.17
C ASP A 102 -3.25 11.93 8.14
N ASP A 103 -3.13 12.46 6.93
CA ASP A 103 -2.82 13.87 6.70
C ASP A 103 -2.77 14.15 5.20
N GLY A 104 -1.78 13.54 4.54
CA GLY A 104 -1.61 13.68 3.11
C GLY A 104 -0.99 12.44 2.52
N PHE A 105 -0.14 11.79 3.31
CA PHE A 105 0.52 10.56 2.91
C PHE A 105 -0.42 9.37 3.10
N LEU A 106 -0.18 8.29 2.34
CA LEU A 106 -1.04 7.10 2.44
C LEU A 106 -0.25 5.88 2.87
N TYR A 107 -0.66 5.27 3.97
CA TYR A 107 0.00 4.09 4.50
C TYR A 107 -0.86 2.84 4.31
N VAL A 108 -0.31 1.89 3.57
CA VAL A 108 -1.00 0.65 3.29
C VAL A 108 -0.23 -0.54 3.83
N THR A 109 -0.92 -1.65 3.96
CA THR A 109 -0.33 -2.87 4.43
C THR A 109 -0.85 -4.03 3.61
N TYR A 110 0.04 -4.66 2.84
CA TYR A 110 -0.37 -5.76 1.97
C TYR A 110 -0.21 -7.12 2.64
N SER A 111 -0.71 -8.15 1.97
CA SER A 111 -0.65 -9.52 2.46
C SER A 111 -0.99 -10.50 1.35
N GLY A 112 -0.27 -11.62 1.29
CA GLY A 112 -0.51 -12.60 0.26
C GLY A 112 -1.33 -13.79 0.76
N GLU A 113 -1.68 -14.68 -0.17
CA GLU A 113 -2.47 -15.86 0.17
C GLU A 113 -2.10 -17.04 -0.73
N ASN A 114 -1.86 -18.20 -0.11
CA ASN A 114 -1.50 -19.40 -0.85
C ASN A 114 -0.42 -19.09 -1.89
N THR A 115 0.36 -18.04 -1.62
CA THR A 115 1.41 -17.60 -2.51
C THR A 115 2.68 -18.44 -2.33
N PHE A 116 3.46 -18.10 -1.31
CA PHE A 116 4.70 -18.82 -1.03
C PHE A 116 4.43 -20.30 -0.75
N GLY A 117 3.18 -20.64 -0.50
CA GLY A 117 2.82 -22.02 -0.21
C GLY A 117 3.30 -22.97 -1.30
N PHE A 118 3.65 -24.18 -0.89
CA PHE A 118 4.14 -25.20 -1.81
C PHE A 118 5.32 -24.66 -2.63
N GLY A 119 5.55 -25.25 -3.80
CA GLY A 119 6.64 -24.82 -4.65
C GLY A 119 7.99 -25.10 -4.05
N SER A 120 8.37 -26.38 -4.03
CA SER A 120 9.66 -26.79 -3.48
C SER A 120 10.72 -26.94 -4.58
N PRO A 121 10.41 -27.65 -5.68
CA PRO A 121 11.37 -27.84 -6.78
C PRO A 121 11.79 -26.52 -7.41
N MET A 1 -4.87 -8.21 15.49
CA MET A 1 -3.44 -7.80 15.54
C MET A 1 -2.86 -7.72 14.13
N ALA A 2 -3.73 -7.62 13.13
CA ALA A 2 -3.30 -7.54 11.74
C ALA A 2 -2.87 -6.12 11.38
N LYS A 3 -1.93 -6.01 10.44
CA LYS A 3 -1.41 -4.72 9.99
C LYS A 3 -0.72 -3.99 11.14
N SER A 4 0.58 -3.74 10.97
CA SER A 4 1.38 -3.04 11.98
C SER A 4 2.72 -2.61 11.39
N SER A 5 2.88 -1.31 11.15
CA SER A 5 4.13 -0.81 10.58
C SER A 5 4.28 0.70 10.78
N PHE A 6 3.78 1.48 9.82
CA PHE A 6 3.88 2.94 9.88
C PHE A 6 3.22 3.47 11.15
N LYS A 7 2.14 2.83 11.56
CA LYS A 7 1.43 3.23 12.77
C LYS A 7 2.32 3.05 13.99
N GLN A 8 3.31 2.18 13.85
CA GLN A 8 4.25 1.90 14.93
C GLN A 8 5.48 2.82 14.81
N GLU A 9 5.79 3.20 13.57
CA GLU A 9 6.94 4.06 13.31
C GLU A 9 6.47 5.44 12.86
N HIS A 10 6.07 6.25 13.83
CA HIS A 10 5.59 7.60 13.57
C HIS A 10 6.68 8.47 12.94
N ASP A 11 6.26 9.41 12.09
CA ASP A 11 7.16 10.32 11.41
C ASP A 11 6.37 11.33 10.58
N LEU A 12 5.42 11.98 11.24
CA LEU A 12 4.55 12.96 10.59
C LEU A 12 5.33 14.09 9.95
N GLU A 13 6.46 14.48 10.53
CA GLU A 13 7.25 15.56 9.97
C GLU A 13 7.49 15.32 8.48
N LYS A 14 8.12 14.20 8.18
CA LYS A 14 8.43 13.84 6.80
C LYS A 14 7.17 13.41 6.05
N ARG A 15 6.27 12.72 6.75
CA ARG A 15 5.02 12.26 6.14
C ARG A 15 4.19 13.44 5.63
N ARG A 16 3.83 14.31 6.56
CA ARG A 16 3.05 15.50 6.26
C ARG A 16 3.78 16.39 5.27
N ALA A 17 5.09 16.55 5.45
CA ALA A 17 5.86 17.40 4.56
C ALA A 17 5.80 16.94 3.14
N GLU A 18 6.13 15.68 2.91
CA GLU A 18 6.17 15.14 1.58
C GLU A 18 4.76 15.09 0.98
N ALA A 19 3.78 14.90 1.85
CA ALA A 19 2.39 14.86 1.43
C ALA A 19 1.95 16.21 0.88
N ALA A 20 2.28 17.24 1.62
CA ALA A 20 1.92 18.60 1.24
C ALA A 20 2.91 19.13 0.22
N ARG A 21 4.11 18.59 0.24
CA ARG A 21 5.14 19.01 -0.69
C ARG A 21 4.71 18.61 -2.09
N ILE A 22 4.23 17.38 -2.24
CA ILE A 22 3.77 16.89 -3.51
C ILE A 22 2.44 17.55 -3.89
N ARG A 23 1.53 17.66 -2.90
CA ARG A 23 0.24 18.29 -3.13
C ARG A 23 0.42 19.73 -3.59
N GLU A 24 1.53 20.34 -3.17
CA GLU A 24 1.85 21.71 -3.54
C GLU A 24 2.67 21.72 -4.81
N LYS A 25 3.53 20.70 -4.92
CA LYS A 25 4.40 20.55 -6.07
C LYS A 25 3.59 20.55 -7.35
N TYR A 26 2.75 19.51 -7.51
CA TYR A 26 1.89 19.35 -8.69
C TYR A 26 1.57 17.88 -8.97
N PRO A 27 2.60 17.00 -9.00
CA PRO A 27 2.42 15.57 -9.27
C PRO A 27 1.15 14.99 -8.64
N ASP A 28 0.82 15.42 -7.43
CA ASP A 28 -0.36 14.93 -6.74
C ASP A 28 -0.40 13.40 -6.78
N ARG A 29 0.74 12.78 -6.54
CA ARG A 29 0.86 11.34 -6.55
C ARG A 29 0.62 10.75 -5.17
N ILE A 30 -0.27 9.78 -5.11
CA ILE A 30 -0.63 9.11 -3.86
C ILE A 30 0.59 8.49 -3.20
N PRO A 31 1.08 9.07 -2.09
CA PRO A 31 2.20 8.48 -1.38
C PRO A 31 1.83 7.12 -0.84
N VAL A 32 2.39 6.05 -1.37
CA VAL A 32 2.04 4.72 -0.91
C VAL A 32 3.18 4.08 -0.11
N ILE A 33 2.85 3.65 1.10
CA ILE A 33 3.83 3.01 1.97
C ILE A 33 3.50 1.52 2.15
N VAL A 34 4.08 0.66 1.30
CA VAL A 34 3.81 -0.77 1.41
C VAL A 34 4.60 -1.36 2.57
N GLU A 35 3.93 -2.19 3.37
CA GLU A 35 4.56 -2.83 4.53
C GLU A 35 4.04 -4.24 4.75
N LYS A 36 4.93 -5.14 5.15
CA LYS A 36 4.55 -6.53 5.39
C LYS A 36 3.68 -6.65 6.64
N ALA A 37 2.54 -7.33 6.49
CA ALA A 37 1.64 -7.53 7.62
C ALA A 37 2.28 -8.43 8.68
N GLU A 38 1.66 -8.52 9.85
CA GLU A 38 2.20 -9.34 10.93
C GLU A 38 2.15 -10.81 10.55
N LYS A 39 1.17 -11.15 9.71
CA LYS A 39 0.98 -12.51 9.26
C LYS A 39 1.20 -12.62 7.75
N SER A 40 1.95 -11.65 7.23
CA SER A 40 2.25 -11.60 5.80
C SER A 40 2.95 -12.87 5.32
N ASP A 41 2.50 -13.39 4.18
CA ASP A 41 3.08 -14.59 3.60
C ASP A 41 3.27 -14.39 2.10
N ILE A 42 3.48 -13.15 1.69
CA ILE A 42 3.66 -12.81 0.28
C ILE A 42 4.91 -11.93 0.11
N PRO A 43 6.10 -12.43 0.51
CA PRO A 43 7.35 -11.66 0.42
C PRO A 43 7.96 -11.53 -0.97
N THR A 44 9.16 -10.94 -0.99
CA THR A 44 9.96 -10.69 -2.19
C THR A 44 9.68 -9.31 -2.77
N ILE A 45 8.48 -8.80 -2.53
CA ILE A 45 8.08 -7.49 -3.03
C ILE A 45 8.86 -6.36 -2.38
N ASP A 46 9.35 -5.44 -3.20
CA ASP A 46 10.05 -4.28 -2.69
C ASP A 46 9.01 -3.31 -2.17
N LYS A 47 8.62 -3.50 -0.92
CA LYS A 47 7.60 -2.69 -0.29
C LYS A 47 8.10 -1.29 0.04
N LYS A 48 8.82 -1.18 1.14
CA LYS A 48 9.37 0.11 1.58
C LYS A 48 8.38 1.25 1.36
N LYS A 49 8.91 2.44 1.05
CA LYS A 49 8.08 3.61 0.85
C LYS A 49 8.30 4.22 -0.55
N TYR A 50 7.22 4.40 -1.31
CA TYR A 50 7.32 4.99 -2.63
C TYR A 50 6.02 5.69 -3.05
N LEU A 51 6.16 6.86 -3.65
CA LEU A 51 5.02 7.66 -4.10
C LEU A 51 4.41 7.06 -5.37
N VAL A 52 3.11 6.82 -5.35
CA VAL A 52 2.41 6.28 -6.52
C VAL A 52 1.36 7.28 -7.01
N PRO A 53 1.31 7.57 -8.32
CA PRO A 53 0.37 8.54 -8.86
C PRO A 53 -1.07 8.27 -8.44
N ALA A 54 -1.80 9.35 -8.15
CA ALA A 54 -3.19 9.27 -7.72
C ALA A 54 -4.10 9.00 -8.90
N ASP A 55 -3.50 8.98 -10.09
CA ASP A 55 -4.23 8.75 -11.33
C ASP A 55 -4.66 7.29 -11.46
N LEU A 56 -4.67 6.55 -10.35
CA LEU A 56 -5.07 5.15 -10.39
C LEU A 56 -5.80 4.73 -9.12
N THR A 57 -6.41 3.56 -9.17
CA THR A 57 -7.21 3.03 -8.08
C THR A 57 -6.44 2.13 -7.13
N VAL A 58 -7.17 1.64 -6.13
CA VAL A 58 -6.63 0.75 -5.13
C VAL A 58 -6.15 -0.53 -5.80
N GLY A 59 -7.06 -1.18 -6.54
CA GLY A 59 -6.71 -2.39 -7.25
C GLY A 59 -5.64 -2.11 -8.27
N GLN A 60 -5.49 -0.84 -8.65
CA GLN A 60 -4.45 -0.45 -9.58
C GLN A 60 -3.13 -0.48 -8.85
N PHE A 61 -3.18 -0.11 -7.57
CA PHE A 61 -2.01 -0.17 -6.71
C PHE A 61 -1.64 -1.65 -6.57
N VAL A 62 -2.67 -2.48 -6.53
CA VAL A 62 -2.50 -3.92 -6.46
C VAL A 62 -1.90 -4.37 -7.78
N TYR A 63 -2.40 -3.76 -8.85
CA TYR A 63 -1.92 -4.04 -10.18
C TYR A 63 -0.48 -3.58 -10.29
N VAL A 64 -0.12 -2.62 -9.44
CA VAL A 64 1.24 -2.12 -9.39
C VAL A 64 2.11 -3.22 -8.80
N ILE A 65 1.66 -3.78 -7.68
CA ILE A 65 2.35 -4.88 -7.08
C ILE A 65 2.30 -6.03 -8.07
N ARG A 66 1.29 -5.92 -8.94
CA ARG A 66 1.03 -6.83 -10.05
C ARG A 66 1.19 -8.30 -9.70
N LYS A 67 1.03 -8.64 -8.42
CA LYS A 67 1.14 -10.01 -7.94
C LYS A 67 2.15 -10.82 -8.76
N ARG A 68 3.29 -10.21 -9.07
CA ARG A 68 4.34 -10.88 -9.81
C ARG A 68 5.44 -11.30 -8.86
N ILE A 69 5.26 -10.92 -7.60
CA ILE A 69 6.20 -11.24 -6.55
C ILE A 69 6.06 -12.68 -6.10
N LYS A 70 6.71 -13.58 -6.83
CA LYS A 70 6.65 -15.02 -6.54
C LYS A 70 5.20 -15.51 -6.36
N LEU A 71 4.26 -14.67 -6.79
CA LEU A 71 2.83 -15.01 -6.72
C LEU A 71 2.42 -15.95 -7.85
N SER A 72 1.25 -16.57 -7.69
CA SER A 72 0.74 -17.49 -8.69
C SER A 72 -0.21 -16.78 -9.64
N ALA A 73 -0.56 -17.46 -10.74
CA ALA A 73 -1.45 -16.91 -11.75
C ALA A 73 -2.83 -16.58 -11.18
N GLU A 74 -3.59 -17.65 -10.99
CA GLU A 74 -4.95 -17.60 -10.49
C GLU A 74 -5.11 -16.71 -9.25
N LYS A 75 -4.03 -16.56 -8.51
CA LYS A 75 -4.08 -15.77 -7.28
C LYS A 75 -3.44 -14.40 -7.45
N ALA A 76 -3.54 -13.59 -6.41
CA ALA A 76 -3.03 -12.23 -6.42
C ALA A 76 -2.70 -11.75 -5.01
N ILE A 77 -2.43 -10.46 -4.88
CA ILE A 77 -2.10 -9.87 -3.59
C ILE A 77 -3.34 -9.34 -2.89
N PHE A 78 -3.15 -8.80 -1.68
CA PHE A 78 -4.22 -8.27 -0.87
C PHE A 78 -3.66 -7.24 0.09
N ILE A 79 -4.46 -6.27 0.47
CA ILE A 79 -3.99 -5.24 1.37
C ILE A 79 -4.90 -5.06 2.57
N PHE A 80 -4.27 -4.70 3.69
CA PHE A 80 -4.99 -4.48 4.93
C PHE A 80 -4.43 -3.26 5.63
N VAL A 81 -5.32 -2.42 6.10
CA VAL A 81 -4.93 -1.20 6.78
C VAL A 81 -6.01 -0.79 7.76
N ASP A 82 -5.62 -0.43 8.97
CA ASP A 82 -6.58 -0.06 9.99
C ASP A 82 -7.62 -1.16 10.09
N ASN A 83 -7.17 -2.40 9.87
CA ASN A 83 -8.04 -3.57 9.90
C ASN A 83 -9.12 -3.47 8.84
N VAL A 84 -8.70 -3.21 7.59
CA VAL A 84 -9.64 -3.08 6.49
C VAL A 84 -9.19 -3.83 5.26
N LEU A 85 -10.06 -3.85 4.30
CA LEU A 85 -9.84 -4.49 3.02
C LEU A 85 -10.35 -3.58 1.90
N PRO A 86 -9.51 -2.63 1.47
CA PRO A 86 -9.84 -1.65 0.42
C PRO A 86 -10.64 -2.22 -0.74
N PRO A 87 -11.26 -1.33 -1.55
CA PRO A 87 -12.11 -1.72 -2.69
C PRO A 87 -11.31 -2.25 -3.87
N ALA A 88 -9.98 -2.06 -3.81
CA ALA A 88 -9.12 -2.49 -4.88
C ALA A 88 -9.77 -2.31 -6.25
N GLY A 89 -10.16 -1.07 -6.53
CA GLY A 89 -10.81 -0.73 -7.78
C GLY A 89 -11.41 0.66 -7.73
N ALA A 90 -11.69 1.13 -6.52
CA ALA A 90 -12.24 2.46 -6.32
C ALA A 90 -11.36 3.53 -6.96
N LEU A 91 -10.55 4.18 -6.14
CA LEU A 91 -9.63 5.22 -6.60
C LEU A 91 -8.82 5.77 -5.44
N MET A 92 -7.64 5.22 -5.23
CA MET A 92 -6.78 5.65 -4.12
C MET A 92 -6.79 7.17 -3.94
N SER A 93 -7.03 7.88 -5.03
CA SER A 93 -7.07 9.36 -5.01
C SER A 93 -8.36 9.87 -4.40
N SER A 94 -9.42 9.88 -5.22
CA SER A 94 -10.71 10.32 -4.74
C SER A 94 -10.93 9.70 -3.38
N VAL A 95 -10.66 8.41 -3.31
CA VAL A 95 -10.80 7.67 -2.08
C VAL A 95 -9.97 8.31 -0.97
N TYR A 96 -8.72 8.66 -1.28
CA TYR A 96 -7.85 9.28 -0.30
C TYR A 96 -8.56 10.51 0.28
N GLU A 97 -9.43 11.12 -0.52
CA GLU A 97 -10.18 12.30 -0.08
C GLU A 97 -11.67 11.99 0.12
N GLU A 98 -12.06 10.74 -0.09
CA GLU A 98 -13.45 10.33 0.04
C GLU A 98 -13.75 9.65 1.36
N LYS A 99 -12.83 8.83 1.82
CA LYS A 99 -13.04 8.09 3.06
C LYS A 99 -12.23 8.68 4.20
N LYS A 100 -10.93 8.84 4.00
CA LYS A 100 -10.09 9.41 5.04
C LYS A 100 -8.67 9.69 4.57
N ASP A 101 -8.01 10.59 5.28
CA ASP A 101 -6.64 10.98 5.01
C ASP A 101 -6.02 11.61 6.25
N ASP A 102 -5.06 10.91 6.84
CA ASP A 102 -4.39 11.40 8.04
C ASP A 102 -3.88 12.83 7.82
N ASP A 103 -3.37 13.09 6.62
CA ASP A 103 -2.85 14.40 6.28
C ASP A 103 -2.73 14.56 4.76
N GLY A 104 -2.04 13.62 4.13
CA GLY A 104 -1.87 13.65 2.69
C GLY A 104 -1.09 12.44 2.21
N PHE A 105 -0.25 11.91 3.09
CA PHE A 105 0.57 10.74 2.78
C PHE A 105 -0.23 9.46 3.04
N LEU A 106 -0.18 8.52 2.10
CA LEU A 106 -0.92 7.26 2.24
C LEU A 106 0.02 6.11 2.61
N TYR A 107 -0.51 5.17 3.37
CA TYR A 107 0.26 4.02 3.80
C TYR A 107 -0.59 2.75 3.77
N VAL A 108 -0.05 1.72 3.12
CA VAL A 108 -0.75 0.46 2.99
C VAL A 108 0.10 -0.72 3.45
N THR A 109 -0.54 -1.68 4.08
CA THR A 109 0.12 -2.88 4.53
C THR A 109 -0.24 -4.03 3.59
N TYR A 110 0.76 -4.63 2.99
CA TYR A 110 0.54 -5.70 2.03
C TYR A 110 0.55 -7.07 2.69
N SER A 111 -0.20 -7.99 2.07
CA SER A 111 -0.33 -9.36 2.55
C SER A 111 -0.98 -10.22 1.47
N GLY A 112 -0.46 -11.43 1.27
CA GLY A 112 -1.01 -12.31 0.25
C GLY A 112 -1.83 -13.45 0.82
N GLU A 113 -1.90 -14.55 0.08
CA GLU A 113 -2.65 -15.71 0.50
C GLU A 113 -1.99 -17.01 0.08
N ASN A 114 -1.80 -17.93 1.03
CA ASN A 114 -1.18 -19.22 0.79
C ASN A 114 -0.20 -19.19 -0.40
N THR A 115 0.55 -18.11 -0.52
CA THR A 115 1.51 -17.96 -1.61
C THR A 115 2.91 -18.39 -1.19
N PHE A 116 3.55 -19.18 -2.04
CA PHE A 116 4.89 -19.68 -1.78
C PHE A 116 4.93 -20.54 -0.52
N GLY A 117 6.10 -21.09 -0.21
CA GLY A 117 6.23 -21.92 0.97
C GLY A 117 5.90 -23.38 0.70
N PHE A 118 6.07 -23.80 -0.54
CA PHE A 118 5.78 -25.18 -0.92
C PHE A 118 6.84 -25.70 -1.89
N GLY A 119 6.90 -25.09 -3.07
CA GLY A 119 7.87 -25.49 -4.08
C GLY A 119 8.87 -24.41 -4.40
N SER A 120 10.10 -24.81 -4.70
CA SER A 120 11.15 -23.85 -5.03
C SER A 120 11.27 -23.67 -6.55
N PRO A 121 11.21 -22.41 -7.04
CA PRO A 121 11.31 -22.12 -8.47
C PRO A 121 12.60 -22.67 -9.08
N MET A 1 -4.44 -8.13 8.28
CA MET A 1 -5.31 -7.78 9.44
C MET A 1 -4.65 -6.70 10.29
N ALA A 2 -3.32 -6.68 10.28
CA ALA A 2 -2.57 -5.69 11.05
C ALA A 2 -1.40 -5.15 10.23
N LYS A 3 -0.90 -3.99 10.64
CA LYS A 3 0.21 -3.34 9.95
C LYS A 3 1.32 -3.02 10.95
N SER A 4 2.53 -2.80 10.45
CA SER A 4 3.66 -2.49 11.33
C SER A 4 4.82 -1.88 10.57
N SER A 5 5.07 -0.58 10.80
CA SER A 5 6.17 0.13 10.15
C SER A 5 6.20 1.59 10.57
N PHE A 6 5.28 2.38 10.02
CA PHE A 6 5.19 3.79 10.33
C PHE A 6 5.01 4.00 11.84
N LYS A 7 4.46 2.99 12.51
CA LYS A 7 4.26 3.07 13.95
C LYS A 7 5.58 2.89 14.68
N GLN A 8 6.47 2.12 14.07
CA GLN A 8 7.79 1.88 14.65
C GLN A 8 8.73 2.99 14.24
N GLU A 9 8.36 3.69 13.16
CA GLU A 9 9.14 4.80 12.64
C GLU A 9 8.23 5.99 12.36
N HIS A 10 7.98 6.77 13.41
CA HIS A 10 7.13 7.94 13.29
C HIS A 10 7.93 9.15 12.81
N ASP A 11 7.29 9.96 11.96
CA ASP A 11 7.93 11.14 11.41
C ASP A 11 6.92 11.95 10.60
N LEU A 12 5.82 12.31 11.26
CA LEU A 12 4.78 13.08 10.60
C LEU A 12 5.35 14.33 9.93
N GLU A 13 6.50 14.79 10.41
CA GLU A 13 7.13 15.96 9.84
C GLU A 13 7.43 15.73 8.36
N LYS A 14 8.21 14.69 8.09
CA LYS A 14 8.59 14.34 6.72
C LYS A 14 7.38 13.79 5.95
N ARG A 15 6.57 12.99 6.63
CA ARG A 15 5.39 12.40 5.99
C ARG A 15 4.43 13.50 5.53
N ARG A 16 3.97 14.31 6.48
CA ARG A 16 3.05 15.40 6.18
C ARG A 16 3.66 16.34 5.15
N ALA A 17 4.94 16.66 5.32
CA ALA A 17 5.61 17.57 4.40
C ALA A 17 5.57 17.05 2.98
N GLU A 18 6.01 15.83 2.80
CA GLU A 18 6.05 15.23 1.48
C GLU A 18 4.64 15.12 0.91
N ALA A 19 3.68 14.93 1.79
CA ALA A 19 2.28 14.82 1.40
C ALA A 19 1.78 16.12 0.78
N ALA A 20 2.02 17.21 1.50
CA ALA A 20 1.58 18.52 1.05
C ALA A 20 2.54 19.08 0.01
N ARG A 21 3.79 18.61 0.07
CA ARG A 21 4.80 19.06 -0.86
C ARG A 21 4.43 18.60 -2.25
N ILE A 22 4.03 17.33 -2.37
CA ILE A 22 3.61 16.77 -3.64
C ILE A 22 2.26 17.35 -4.05
N ARG A 23 1.32 17.40 -3.08
CA ARG A 23 0.00 17.94 -3.35
C ARG A 23 0.10 19.37 -3.87
N GLU A 24 1.15 20.06 -3.44
CA GLU A 24 1.39 21.44 -3.85
C GLU A 24 2.25 21.46 -5.11
N LYS A 25 3.17 20.51 -5.16
CA LYS A 25 4.09 20.38 -6.26
C LYS A 25 3.32 20.31 -7.58
N TYR A 26 2.51 19.25 -7.74
CA TYR A 26 1.70 19.03 -8.94
C TYR A 26 1.43 17.55 -9.20
N PRO A 27 2.49 16.70 -9.20
CA PRO A 27 2.35 15.26 -9.46
C PRO A 27 1.15 14.64 -8.76
N ASP A 28 0.74 15.21 -7.62
CA ASP A 28 -0.40 14.70 -6.87
C ASP A 28 -0.39 13.19 -6.85
N ARG A 29 0.78 12.62 -6.55
CA ARG A 29 0.93 11.18 -6.52
C ARG A 29 0.65 10.63 -5.11
N ILE A 30 -0.23 9.64 -5.07
CA ILE A 30 -0.62 9.00 -3.82
C ILE A 30 0.58 8.41 -3.09
N PRO A 31 1.01 8.99 -1.97
CA PRO A 31 2.12 8.44 -1.20
C PRO A 31 1.73 7.07 -0.67
N VAL A 32 2.34 6.02 -1.21
CA VAL A 32 2.01 4.68 -0.76
C VAL A 32 3.14 4.03 0.01
N ILE A 33 2.84 3.60 1.24
CA ILE A 33 3.81 2.93 2.09
C ILE A 33 3.44 1.46 2.25
N VAL A 34 3.96 0.60 1.37
CA VAL A 34 3.66 -0.82 1.43
C VAL A 34 4.40 -1.48 2.59
N GLU A 35 3.72 -2.39 3.27
CA GLU A 35 4.31 -3.09 4.42
C GLU A 35 3.84 -4.53 4.53
N LYS A 36 4.71 -5.40 5.02
CA LYS A 36 4.38 -6.81 5.16
C LYS A 36 3.55 -7.07 6.42
N ALA A 37 2.47 -7.84 6.24
CA ALA A 37 1.60 -8.18 7.37
C ALA A 37 2.19 -9.34 8.17
N GLU A 38 1.81 -9.43 9.45
CA GLU A 38 2.31 -10.49 10.32
C GLU A 38 1.55 -11.78 10.09
N LYS A 39 0.34 -11.66 9.53
CA LYS A 39 -0.51 -12.81 9.28
C LYS A 39 -0.59 -13.09 7.79
N SER A 40 0.41 -12.62 7.04
CA SER A 40 0.45 -12.81 5.60
C SER A 40 1.56 -13.78 5.20
N ASP A 41 1.38 -14.44 4.07
CA ASP A 41 2.37 -15.39 3.57
C ASP A 41 2.75 -15.07 2.13
N ILE A 42 3.07 -13.80 1.88
CA ILE A 42 3.46 -13.36 0.54
C ILE A 42 4.79 -12.57 0.59
N PRO A 43 5.87 -13.22 1.09
CA PRO A 43 7.19 -12.58 1.26
C PRO A 43 8.11 -12.61 0.04
N THR A 44 8.55 -11.41 -0.40
CA THR A 44 9.48 -11.28 -1.53
C THR A 44 9.52 -9.84 -2.07
N ILE A 45 8.44 -9.11 -1.90
CA ILE A 45 8.34 -7.73 -2.41
C ILE A 45 9.08 -6.74 -1.52
N ASP A 46 9.91 -5.91 -2.15
CA ASP A 46 10.60 -4.86 -1.42
C ASP A 46 9.59 -3.74 -1.21
N LYS A 47 8.84 -3.87 -0.13
CA LYS A 47 7.77 -2.94 0.19
C LYS A 47 8.26 -1.51 0.43
N LYS A 48 8.76 -1.25 1.64
CA LYS A 48 9.24 0.08 1.98
C LYS A 48 8.23 1.15 1.61
N LYS A 49 8.70 2.37 1.34
CA LYS A 49 7.82 3.48 0.99
C LYS A 49 8.14 4.06 -0.38
N TYR A 50 7.09 4.39 -1.13
CA TYR A 50 7.25 4.97 -2.45
C TYR A 50 5.97 5.67 -2.91
N LEU A 51 6.13 6.84 -3.53
CA LEU A 51 5.01 7.63 -4.01
C LEU A 51 4.41 7.05 -5.30
N VAL A 52 3.12 6.73 -5.27
CA VAL A 52 2.45 6.19 -6.44
C VAL A 52 1.41 7.20 -6.94
N PRO A 53 1.37 7.48 -8.26
CA PRO A 53 0.43 8.46 -8.82
C PRO A 53 -1.02 8.19 -8.42
N ALA A 54 -1.74 9.26 -8.07
CA ALA A 54 -3.13 9.19 -7.66
C ALA A 54 -4.02 8.92 -8.87
N ASP A 55 -3.41 8.91 -10.05
CA ASP A 55 -4.13 8.69 -11.29
C ASP A 55 -4.62 7.25 -11.43
N LEU A 56 -4.69 6.53 -10.31
CA LEU A 56 -5.16 5.14 -10.34
C LEU A 56 -5.89 4.75 -9.07
N THR A 57 -6.51 3.59 -9.11
CA THR A 57 -7.33 3.09 -8.01
C THR A 57 -6.59 2.18 -7.05
N VAL A 58 -7.34 1.70 -6.06
CA VAL A 58 -6.83 0.80 -5.06
C VAL A 58 -6.35 -0.49 -5.72
N GLY A 59 -7.27 -1.16 -6.42
CA GLY A 59 -6.92 -2.38 -7.12
C GLY A 59 -5.85 -2.11 -8.15
N GLN A 60 -5.72 -0.85 -8.55
CA GLN A 60 -4.69 -0.46 -9.48
C GLN A 60 -3.35 -0.49 -8.77
N PHE A 61 -3.38 -0.10 -7.49
CA PHE A 61 -2.20 -0.16 -6.65
C PHE A 61 -1.81 -1.63 -6.51
N VAL A 62 -2.85 -2.47 -6.44
CA VAL A 62 -2.66 -3.90 -6.38
C VAL A 62 -2.07 -4.36 -7.69
N TYR A 63 -2.60 -3.78 -8.76
CA TYR A 63 -2.13 -4.06 -10.10
C TYR A 63 -0.70 -3.58 -10.24
N VAL A 64 -0.34 -2.61 -9.40
CA VAL A 64 1.01 -2.09 -9.38
C VAL A 64 1.91 -3.16 -8.80
N ILE A 65 1.50 -3.69 -7.64
CA ILE A 65 2.22 -4.78 -7.04
C ILE A 65 2.17 -5.94 -8.02
N ARG A 66 1.16 -5.83 -8.88
CA ARG A 66 0.89 -6.74 -10.00
C ARG A 66 1.01 -8.22 -9.65
N LYS A 67 0.85 -8.54 -8.37
CA LYS A 67 0.91 -9.93 -7.90
C LYS A 67 1.95 -10.72 -8.66
N ARG A 68 3.05 -10.07 -8.95
CA ARG A 68 4.16 -10.70 -9.65
C ARG A 68 5.31 -10.93 -8.68
N ILE A 69 5.11 -10.46 -7.45
CA ILE A 69 6.09 -10.57 -6.39
C ILE A 69 6.18 -12.00 -5.85
N LYS A 70 6.61 -12.94 -6.68
CA LYS A 70 6.77 -14.34 -6.26
C LYS A 70 5.41 -15.03 -6.19
N LEU A 71 4.40 -14.27 -6.59
CA LEU A 71 3.01 -14.72 -6.60
C LEU A 71 2.73 -15.74 -7.70
N SER A 72 1.60 -16.43 -7.54
CA SER A 72 1.17 -17.43 -8.49
C SER A 72 0.11 -16.86 -9.43
N ALA A 73 -0.20 -17.59 -10.49
CA ALA A 73 -1.19 -17.17 -11.47
C ALA A 73 -2.52 -16.81 -10.84
N GLU A 74 -3.28 -17.84 -10.51
CA GLU A 74 -4.60 -17.72 -9.94
C GLU A 74 -4.65 -16.91 -8.64
N LYS A 75 -3.49 -16.67 -8.03
CA LYS A 75 -3.46 -15.90 -6.78
C LYS A 75 -3.15 -14.43 -7.03
N ALA A 76 -3.41 -13.62 -6.02
CA ALA A 76 -3.18 -12.18 -6.08
C ALA A 76 -2.83 -11.63 -4.70
N ILE A 77 -2.63 -10.32 -4.62
CA ILE A 77 -2.29 -9.69 -3.35
C ILE A 77 -3.54 -9.16 -2.65
N PHE A 78 -3.35 -8.64 -1.44
CA PHE A 78 -4.43 -8.09 -0.63
C PHE A 78 -3.86 -7.07 0.32
N ILE A 79 -4.59 -6.00 0.57
CA ILE A 79 -4.08 -4.97 1.45
C ILE A 79 -4.96 -4.75 2.66
N PHE A 80 -4.29 -4.54 3.79
CA PHE A 80 -4.96 -4.30 5.05
C PHE A 80 -4.43 -3.03 5.70
N VAL A 81 -5.36 -2.24 6.19
CA VAL A 81 -5.05 -0.97 6.82
C VAL A 81 -6.16 -0.59 7.78
N ASP A 82 -5.79 -0.08 8.94
CA ASP A 82 -6.78 0.27 9.94
C ASP A 82 -7.77 -0.88 10.08
N ASN A 83 -7.25 -2.10 9.90
CA ASN A 83 -8.05 -3.32 9.96
C ASN A 83 -9.14 -3.28 8.91
N VAL A 84 -8.74 -3.04 7.65
CA VAL A 84 -9.70 -2.98 6.56
C VAL A 84 -9.22 -3.70 5.32
N LEU A 85 -10.12 -3.76 4.38
CA LEU A 85 -9.88 -4.37 3.08
C LEU A 85 -10.43 -3.45 1.99
N PRO A 86 -9.62 -2.46 1.57
CA PRO A 86 -9.98 -1.46 0.57
C PRO A 86 -10.81 -2.01 -0.60
N PRO A 87 -11.44 -1.11 -1.38
CA PRO A 87 -12.29 -1.47 -2.52
C PRO A 87 -11.53 -2.03 -3.70
N ALA A 88 -10.20 -1.93 -3.65
CA ALA A 88 -9.34 -2.40 -4.72
C ALA A 88 -10.00 -2.21 -6.08
N GLY A 89 -10.31 -0.94 -6.38
CA GLY A 89 -10.94 -0.58 -7.63
C GLY A 89 -11.52 0.81 -7.57
N ALA A 90 -11.77 1.30 -6.36
CA ALA A 90 -12.30 2.63 -6.15
C ALA A 90 -11.42 3.68 -6.82
N LEU A 91 -10.58 4.33 -6.01
CA LEU A 91 -9.67 5.35 -6.51
C LEU A 91 -8.84 5.89 -5.35
N MET A 92 -7.65 5.33 -5.17
CA MET A 92 -6.77 5.74 -4.08
C MET A 92 -6.72 7.27 -3.94
N SER A 93 -6.98 7.96 -5.04
CA SER A 93 -6.95 9.43 -5.07
C SER A 93 -8.22 10.01 -4.45
N SER A 94 -9.30 10.02 -5.22
CA SER A 94 -10.56 10.54 -4.74
C SER A 94 -10.80 10.01 -3.34
N VAL A 95 -10.50 8.73 -3.17
CA VAL A 95 -10.64 8.07 -1.89
C VAL A 95 -9.77 8.77 -0.86
N TYR A 96 -8.49 8.94 -1.17
CA TYR A 96 -7.55 9.59 -0.28
C TYR A 96 -8.05 10.97 0.16
N GLU A 97 -8.81 11.64 -0.69
CA GLU A 97 -9.29 12.98 -0.37
C GLU A 97 -10.80 13.06 -0.13
N GLU A 98 -11.50 11.93 -0.16
CA GLU A 98 -12.95 11.97 0.05
C GLU A 98 -13.45 11.05 1.16
N LYS A 99 -12.75 9.95 1.44
CA LYS A 99 -13.22 9.03 2.45
C LYS A 99 -12.13 8.61 3.42
N LYS A 100 -10.87 8.67 3.01
CA LYS A 100 -9.80 8.27 3.92
C LYS A 100 -8.51 9.06 3.70
N ASP A 101 -7.95 9.53 4.80
CA ASP A 101 -6.70 10.27 4.80
C ASP A 101 -6.12 10.33 6.20
N ASP A 102 -4.84 10.64 6.28
CA ASP A 102 -4.15 10.75 7.56
C ASP A 102 -3.58 12.16 7.70
N ASP A 103 -3.33 12.78 6.54
CA ASP A 103 -2.79 14.14 6.48
C ASP A 103 -2.49 14.49 5.02
N GLY A 104 -2.00 13.49 4.29
CA GLY A 104 -1.67 13.65 2.89
C GLY A 104 -0.92 12.43 2.39
N PHE A 105 -0.23 11.76 3.30
CA PHE A 105 0.55 10.56 2.99
C PHE A 105 -0.30 9.32 3.24
N LEU A 106 -0.29 8.37 2.29
CA LEU A 106 -1.08 7.15 2.42
C LEU A 106 -0.22 5.95 2.81
N TYR A 107 -0.73 5.16 3.75
CA TYR A 107 -0.01 3.97 4.22
C TYR A 107 -0.82 2.71 3.99
N VAL A 108 -0.19 1.71 3.39
CA VAL A 108 -0.84 0.46 3.10
C VAL A 108 0.04 -0.73 3.44
N THR A 109 -0.57 -1.78 3.95
CA THR A 109 0.16 -2.99 4.28
C THR A 109 -0.29 -4.10 3.35
N TYR A 110 0.68 -4.73 2.71
CA TYR A 110 0.39 -5.80 1.78
C TYR A 110 0.35 -7.15 2.48
N SER A 111 -0.52 -8.01 1.97
CA SER A 111 -0.73 -9.33 2.53
C SER A 111 -1.35 -10.22 1.47
N GLY A 112 -0.90 -11.47 1.37
CA GLY A 112 -1.44 -12.37 0.36
C GLY A 112 -1.84 -13.73 0.89
N GLU A 113 -1.76 -14.72 0.01
CA GLU A 113 -2.11 -16.11 0.35
C GLU A 113 -0.88 -16.90 0.74
N ASN A 114 -1.06 -18.20 0.96
CA ASN A 114 0.04 -19.08 1.33
C ASN A 114 1.12 -19.08 0.24
N THR A 115 0.85 -18.35 -0.84
CA THR A 115 1.77 -18.22 -1.97
C THR A 115 3.22 -18.10 -1.54
N PHE A 116 4.12 -18.50 -2.46
CA PHE A 116 5.56 -18.43 -2.27
C PHE A 116 6.28 -19.46 -3.15
N GLY A 117 7.61 -19.36 -3.20
CA GLY A 117 8.39 -20.29 -4.00
C GLY A 117 8.94 -21.44 -3.19
N PHE A 118 9.04 -22.61 -3.82
CA PHE A 118 9.55 -23.81 -3.17
C PHE A 118 10.08 -24.80 -4.19
N GLY A 119 10.50 -25.97 -3.70
CA GLY A 119 11.02 -26.98 -4.60
C GLY A 119 12.10 -27.82 -3.95
N SER A 120 11.92 -28.14 -2.67
CA SER A 120 12.89 -28.94 -1.93
C SER A 120 12.96 -30.37 -2.48
N PRO A 121 11.81 -31.06 -2.65
CA PRO A 121 11.78 -32.43 -3.17
C PRO A 121 12.07 -32.49 -4.67
N MET A 1 -4.26 -7.99 12.51
CA MET A 1 -5.11 -7.07 13.32
C MET A 1 -4.88 -5.62 12.90
N ALA A 2 -3.67 -5.33 12.46
CA ALA A 2 -3.31 -3.98 12.03
C ALA A 2 -1.95 -3.96 11.33
N LYS A 3 -1.60 -2.81 10.78
CA LYS A 3 -0.33 -2.64 10.07
C LYS A 3 0.82 -2.54 11.07
N SER A 4 2.04 -2.40 10.57
CA SER A 4 3.21 -2.29 11.45
C SER A 4 4.41 -1.67 10.74
N SER A 5 4.66 -0.39 11.03
CA SER A 5 5.79 0.35 10.46
C SER A 5 5.73 1.83 10.82
N PHE A 6 4.77 2.54 10.24
CA PHE A 6 4.60 3.96 10.51
C PHE A 6 4.39 4.19 12.00
N LYS A 7 3.88 3.15 12.67
CA LYS A 7 3.63 3.22 14.11
C LYS A 7 4.94 3.07 14.87
N GLN A 8 5.90 2.39 14.26
CA GLN A 8 7.21 2.18 14.87
C GLN A 8 8.19 3.25 14.43
N GLU A 9 7.83 3.98 13.37
CA GLU A 9 8.68 5.02 12.83
C GLU A 9 7.89 6.31 12.62
N HIS A 10 7.85 7.12 13.67
CA HIS A 10 7.13 8.40 13.63
C HIS A 10 7.97 9.46 12.95
N ASP A 11 7.41 10.11 11.94
CA ASP A 11 8.11 11.14 11.20
C ASP A 11 7.12 11.94 10.34
N LEU A 12 6.05 12.41 10.98
CA LEU A 12 5.02 13.17 10.28
C LEU A 12 5.64 14.29 9.47
N GLU A 13 6.57 15.04 10.07
CA GLU A 13 7.21 16.15 9.37
C GLU A 13 7.62 15.72 7.96
N LYS A 14 8.25 14.56 7.87
CA LYS A 14 8.70 14.03 6.58
C LYS A 14 7.51 13.58 5.72
N ARG A 15 6.67 12.71 6.27
CA ARG A 15 5.51 12.21 5.53
C ARG A 15 4.65 13.37 5.04
N ARG A 16 4.17 14.17 5.98
CA ARG A 16 3.35 15.33 5.68
C ARG A 16 4.02 16.24 4.66
N ALA A 17 5.30 16.51 4.86
CA ALA A 17 6.02 17.37 3.94
C ALA A 17 5.94 16.86 2.52
N GLU A 18 6.32 15.61 2.34
CA GLU A 18 6.33 15.01 1.03
C GLU A 18 4.93 14.98 0.45
N ALA A 19 3.93 14.85 1.33
CA ALA A 19 2.53 14.82 0.92
C ALA A 19 2.08 16.15 0.34
N ALA A 20 2.39 17.22 1.06
CA ALA A 20 2.00 18.55 0.65
C ALA A 20 2.96 19.06 -0.41
N ARG A 21 4.18 18.55 -0.36
CA ARG A 21 5.19 18.96 -1.31
C ARG A 21 4.82 18.46 -2.69
N ILE A 22 4.33 17.21 -2.78
CA ILE A 22 3.90 16.66 -4.04
C ILE A 22 2.58 17.30 -4.48
N ARG A 23 1.65 17.45 -3.52
CA ARG A 23 0.36 18.06 -3.82
C ARG A 23 0.55 19.48 -4.35
N GLU A 24 1.65 20.11 -3.94
CA GLU A 24 1.97 21.46 -4.37
C GLU A 24 2.82 21.39 -5.63
N LYS A 25 3.68 20.38 -5.65
CA LYS A 25 4.57 20.15 -6.78
C LYS A 25 3.77 20.08 -8.07
N TYR A 26 2.97 19.02 -8.20
CA TYR A 26 2.13 18.78 -9.40
C TYR A 26 1.75 17.30 -9.54
N PRO A 27 2.74 16.38 -9.45
CA PRO A 27 2.50 14.94 -9.60
C PRO A 27 1.25 14.44 -8.86
N ASP A 28 0.95 15.05 -7.72
CA ASP A 28 -0.22 14.66 -6.92
C ASP A 28 -0.34 13.14 -6.88
N ARG A 29 0.77 12.48 -6.59
CA ARG A 29 0.82 11.02 -6.54
C ARG A 29 0.54 10.49 -5.14
N ILE A 30 -0.34 9.50 -5.07
CA ILE A 30 -0.72 8.86 -3.81
C ILE A 30 0.49 8.28 -3.09
N PRO A 31 0.93 8.91 -2.00
CA PRO A 31 2.06 8.40 -1.23
C PRO A 31 1.68 7.15 -0.47
N VAL A 32 2.21 6.00 -0.87
CA VAL A 32 1.85 4.78 -0.16
C VAL A 32 3.03 4.21 0.60
N ILE A 33 2.72 3.60 1.72
CA ILE A 33 3.71 2.95 2.56
C ILE A 33 3.29 1.50 2.71
N VAL A 34 3.75 0.64 1.81
CA VAL A 34 3.38 -0.75 1.83
C VAL A 34 4.05 -1.48 3.00
N GLU A 35 3.32 -2.38 3.64
CA GLU A 35 3.85 -3.12 4.79
C GLU A 35 3.35 -4.55 4.86
N LYS A 36 4.22 -5.47 5.29
CA LYS A 36 3.86 -6.87 5.40
C LYS A 36 3.03 -7.14 6.64
N ALA A 37 1.83 -7.69 6.44
CA ALA A 37 0.95 -8.01 7.56
C ALA A 37 1.55 -9.11 8.43
N GLU A 38 0.95 -9.35 9.59
CA GLU A 38 1.45 -10.37 10.50
C GLU A 38 1.26 -11.76 9.90
N LYS A 39 0.09 -11.98 9.31
CA LYS A 39 -0.24 -13.26 8.71
C LYS A 39 -0.01 -13.21 7.20
N SER A 40 0.90 -12.34 6.77
CA SER A 40 1.20 -12.18 5.36
C SER A 40 2.20 -13.23 4.88
N ASP A 41 1.84 -13.92 3.82
CA ASP A 41 2.70 -14.95 3.24
C ASP A 41 3.04 -14.61 1.80
N ILE A 42 3.50 -13.38 1.59
CA ILE A 42 3.85 -12.91 0.26
C ILE A 42 5.12 -12.03 0.32
N PRO A 43 6.25 -12.59 0.79
CA PRO A 43 7.51 -11.86 0.94
C PRO A 43 8.38 -11.76 -0.32
N THR A 44 8.70 -10.52 -0.71
CA THR A 44 9.55 -10.26 -1.87
C THR A 44 9.43 -8.81 -2.35
N ILE A 45 8.21 -8.27 -2.31
CA ILE A 45 7.95 -6.91 -2.77
C ILE A 45 8.63 -5.87 -1.90
N ASP A 46 9.34 -4.94 -2.55
CA ASP A 46 10.00 -3.86 -1.85
C ASP A 46 8.91 -2.91 -1.39
N LYS A 47 8.36 -3.21 -0.22
CA LYS A 47 7.27 -2.42 0.33
C LYS A 47 7.73 -1.06 0.84
N LYS A 48 8.31 -1.04 2.05
CA LYS A 48 8.78 0.20 2.66
C LYS A 48 7.89 1.38 2.31
N LYS A 49 8.47 2.42 1.71
CA LYS A 49 7.71 3.61 1.35
C LYS A 49 8.04 4.09 -0.06
N TYR A 50 7.00 4.41 -0.83
CA TYR A 50 7.17 4.90 -2.19
C TYR A 50 5.90 5.60 -2.68
N LEU A 51 6.09 6.65 -3.47
CA LEU A 51 4.98 7.44 -4.01
C LEU A 51 4.37 6.79 -5.24
N VAL A 52 3.05 6.58 -5.22
CA VAL A 52 2.34 6.01 -6.34
C VAL A 52 1.32 7.02 -6.87
N PRO A 53 1.22 7.20 -8.19
CA PRO A 53 0.29 8.19 -8.76
C PRO A 53 -1.14 8.02 -8.27
N ALA A 54 -1.80 9.17 -8.02
CA ALA A 54 -3.17 9.19 -7.53
C ALA A 54 -4.16 9.05 -8.69
N ASP A 55 -3.62 9.07 -9.91
CA ASP A 55 -4.43 8.97 -11.11
C ASP A 55 -4.98 7.56 -11.32
N LEU A 56 -5.01 6.76 -10.25
CA LEU A 56 -5.52 5.40 -10.35
C LEU A 56 -6.18 4.96 -9.06
N THR A 57 -6.82 3.79 -9.12
CA THR A 57 -7.56 3.26 -8.00
C THR A 57 -6.77 2.30 -7.11
N VAL A 58 -7.46 1.81 -6.09
CA VAL A 58 -6.90 0.87 -5.14
C VAL A 58 -6.47 -0.40 -5.86
N GLY A 59 -7.40 -1.02 -6.56
CA GLY A 59 -7.10 -2.22 -7.30
C GLY A 59 -6.05 -1.95 -8.36
N GLN A 60 -5.98 -0.69 -8.80
CA GLN A 60 -4.99 -0.29 -9.77
C GLN A 60 -3.62 -0.34 -9.10
N PHE A 61 -3.62 0.05 -7.81
CA PHE A 61 -2.41 0.01 -7.01
C PHE A 61 -2.00 -1.45 -6.84
N VAL A 62 -3.01 -2.30 -6.75
CA VAL A 62 -2.79 -3.74 -6.65
C VAL A 62 -2.18 -4.21 -7.95
N TYR A 63 -2.77 -3.72 -9.05
CA TYR A 63 -2.29 -4.03 -10.38
C TYR A 63 -0.89 -3.50 -10.51
N VAL A 64 -0.57 -2.48 -9.71
CA VAL A 64 0.76 -1.90 -9.72
C VAL A 64 1.71 -2.90 -9.10
N ILE A 65 1.35 -3.44 -7.93
CA ILE A 65 2.15 -4.47 -7.30
C ILE A 65 2.18 -5.64 -8.27
N ARG A 66 1.14 -5.66 -9.10
CA ARG A 66 0.95 -6.63 -10.19
C ARG A 66 1.27 -8.06 -9.79
N LYS A 67 1.15 -8.37 -8.51
CA LYS A 67 1.36 -9.73 -8.01
C LYS A 67 2.41 -10.48 -8.83
N ARG A 68 3.52 -9.80 -9.13
CA ARG A 68 4.61 -10.40 -9.89
C ARG A 68 5.74 -10.77 -8.95
N ILE A 69 5.55 -10.40 -7.68
CA ILE A 69 6.51 -10.67 -6.64
C ILE A 69 6.45 -12.12 -6.19
N LYS A 70 7.15 -13.00 -6.90
CA LYS A 70 7.16 -14.44 -6.60
C LYS A 70 5.75 -15.02 -6.44
N LEU A 71 4.74 -14.27 -6.88
CA LEU A 71 3.34 -14.71 -6.83
C LEU A 71 3.04 -15.73 -7.93
N SER A 72 1.94 -16.46 -7.76
CA SER A 72 1.54 -17.46 -8.74
C SER A 72 0.65 -16.83 -9.82
N ALA A 73 0.42 -17.60 -10.89
CA ALA A 73 -0.40 -17.14 -12.00
C ALA A 73 -1.75 -16.64 -11.54
N GLU A 74 -2.62 -17.59 -11.22
CA GLU A 74 -3.98 -17.33 -10.80
C GLU A 74 -4.05 -16.57 -9.46
N LYS A 75 -2.91 -16.46 -8.78
CA LYS A 75 -2.88 -15.76 -7.49
C LYS A 75 -2.71 -14.26 -7.68
N ALA A 76 -3.01 -13.52 -6.63
CA ALA A 76 -2.90 -12.06 -6.63
C ALA A 76 -2.57 -11.56 -5.24
N ILE A 77 -2.43 -10.24 -5.09
CA ILE A 77 -2.11 -9.67 -3.80
C ILE A 77 -3.38 -9.26 -3.06
N PHE A 78 -3.23 -8.83 -1.82
CA PHE A 78 -4.36 -8.44 -0.99
C PHE A 78 -3.90 -7.46 0.07
N ILE A 79 -4.50 -6.29 0.09
CA ILE A 79 -4.12 -5.29 1.06
C ILE A 79 -5.06 -5.22 2.24
N PHE A 80 -4.46 -5.10 3.40
CA PHE A 80 -5.19 -5.00 4.64
C PHE A 80 -4.68 -3.82 5.43
N VAL A 81 -5.60 -3.00 5.86
CA VAL A 81 -5.28 -1.80 6.57
C VAL A 81 -6.35 -1.51 7.62
N ASP A 82 -5.93 -1.29 8.85
CA ASP A 82 -6.87 -1.05 9.93
C ASP A 82 -7.87 -2.21 9.96
N ASN A 83 -7.39 -3.40 9.62
CA ASN A 83 -8.20 -4.60 9.59
C ASN A 83 -9.32 -4.48 8.55
N VAL A 84 -8.94 -4.09 7.33
CA VAL A 84 -9.90 -3.93 6.26
C VAL A 84 -9.39 -4.49 4.94
N LEU A 85 -10.29 -4.47 3.98
CA LEU A 85 -10.01 -4.93 2.63
C LEU A 85 -10.56 -3.90 1.64
N PRO A 86 -9.74 -2.88 1.33
CA PRO A 86 -10.10 -1.79 0.41
C PRO A 86 -10.93 -2.24 -0.80
N PRO A 87 -11.53 -1.27 -1.52
CA PRO A 87 -12.40 -1.52 -2.67
C PRO A 87 -11.64 -2.01 -3.88
N ALA A 88 -10.31 -1.91 -3.82
CA ALA A 88 -9.46 -2.32 -4.92
C ALA A 88 -10.13 -2.08 -6.26
N GLY A 89 -10.51 -0.81 -6.48
CA GLY A 89 -11.17 -0.40 -7.70
C GLY A 89 -11.73 0.99 -7.57
N ALA A 90 -11.93 1.44 -6.34
CA ALA A 90 -12.45 2.79 -6.07
C ALA A 90 -11.55 3.85 -6.69
N LEU A 91 -10.70 4.45 -5.85
CA LEU A 91 -9.78 5.48 -6.31
C LEU A 91 -8.90 5.93 -5.16
N MET A 92 -7.72 5.33 -5.05
CA MET A 92 -6.78 5.66 -3.96
C MET A 92 -6.70 7.16 -3.70
N SER A 93 -6.96 7.98 -4.72
CA SER A 93 -6.89 9.44 -4.58
C SER A 93 -8.17 9.99 -3.95
N SER A 94 -9.25 10.00 -4.73
CA SER A 94 -10.53 10.47 -4.23
C SER A 94 -10.72 9.84 -2.88
N VAL A 95 -10.50 8.54 -2.85
CA VAL A 95 -10.62 7.77 -1.63
C VAL A 95 -9.72 8.33 -0.53
N TYR A 96 -8.47 8.64 -0.87
CA TYR A 96 -7.54 9.20 0.10
C TYR A 96 -8.16 10.43 0.75
N GLU A 97 -9.04 11.11 0.00
CA GLU A 97 -9.71 12.29 0.52
C GLU A 97 -11.20 12.05 0.76
N GLU A 98 -11.65 10.83 0.50
CA GLU A 98 -13.06 10.46 0.65
C GLU A 98 -13.36 9.78 1.98
N LYS A 99 -12.46 8.90 2.41
CA LYS A 99 -12.68 8.16 3.64
C LYS A 99 -11.80 8.70 4.75
N LYS A 100 -10.50 8.81 4.49
CA LYS A 100 -9.58 9.32 5.50
C LYS A 100 -8.17 9.50 4.98
N ASP A 101 -7.39 10.29 5.72
CA ASP A 101 -6.01 10.57 5.42
C ASP A 101 -5.30 11.10 6.65
N ASP A 102 -4.26 10.39 7.09
CA ASP A 102 -3.51 10.80 8.28
C ASP A 102 -3.09 12.25 8.16
N ASP A 103 -3.00 12.74 6.92
CA ASP A 103 -2.62 14.12 6.63
C ASP A 103 -2.56 14.33 5.12
N GLY A 104 -1.62 13.65 4.49
CA GLY A 104 -1.46 13.72 3.05
C GLY A 104 -0.85 12.44 2.53
N PHE A 105 0.04 11.86 3.35
CA PHE A 105 0.70 10.61 3.02
C PHE A 105 -0.23 9.43 3.31
N LEU A 106 -0.22 8.42 2.44
CA LEU A 106 -1.08 7.25 2.62
C LEU A 106 -0.29 6.05 3.14
N TYR A 107 -0.94 5.27 4.00
CA TYR A 107 -0.31 4.10 4.60
C TYR A 107 -1.11 2.83 4.33
N VAL A 108 -0.45 1.87 3.69
CA VAL A 108 -1.06 0.61 3.35
C VAL A 108 -0.21 -0.58 3.81
N THR A 109 -0.85 -1.72 3.95
CA THR A 109 -0.15 -2.93 4.35
C THR A 109 -0.54 -4.07 3.41
N TYR A 110 0.46 -4.67 2.79
CA TYR A 110 0.24 -5.74 1.82
C TYR A 110 0.26 -7.11 2.49
N SER A 111 -0.45 -8.05 1.87
CA SER A 111 -0.56 -9.42 2.37
C SER A 111 -1.04 -10.34 1.25
N GLY A 112 -0.43 -11.52 1.14
CA GLY A 112 -0.82 -12.46 0.10
C GLY A 112 -1.60 -13.64 0.63
N GLU A 113 -1.75 -14.67 -0.20
CA GLU A 113 -2.48 -15.87 0.20
C GLU A 113 -1.85 -17.13 -0.39
N ASN A 114 -1.61 -18.12 0.47
CA ASN A 114 -1.02 -19.40 0.08
C ASN A 114 -0.10 -19.27 -1.13
N THR A 115 0.74 -18.23 -1.13
CA THR A 115 1.66 -17.99 -2.23
C THR A 115 3.05 -18.50 -1.92
N PHE A 116 3.78 -17.76 -1.09
CA PHE A 116 5.13 -18.14 -0.72
C PHE A 116 5.33 -18.07 0.79
N GLY A 117 5.98 -19.09 1.34
CA GLY A 117 6.22 -19.13 2.77
C GLY A 117 6.24 -20.53 3.33
N PHE A 118 7.41 -20.97 3.78
CA PHE A 118 7.56 -22.30 4.35
C PHE A 118 7.44 -22.27 5.87
N GLY A 119 7.33 -23.45 6.47
CA GLY A 119 7.22 -23.54 7.92
C GLY A 119 6.02 -22.76 8.45
N SER A 120 4.82 -23.15 8.01
CA SER A 120 3.60 -22.49 8.45
C SER A 120 2.40 -23.44 8.37
N PRO A 121 2.17 -24.11 7.22
CA PRO A 121 1.03 -25.04 7.08
C PRO A 121 1.06 -26.15 8.11
N MET A 1 -2.06 -3.08 15.39
CA MET A 1 -1.28 -2.60 14.22
C MET A 1 -0.78 -3.76 13.37
N ALA A 2 -1.50 -4.06 12.30
CA ALA A 2 -1.12 -5.14 11.41
C ALA A 2 0.01 -4.70 10.48
N LYS A 3 0.21 -3.39 10.39
CA LYS A 3 1.26 -2.84 9.54
C LYS A 3 2.57 -2.73 10.32
N SER A 4 3.66 -2.42 9.62
CA SER A 4 4.96 -2.28 10.26
C SER A 4 5.98 -1.59 9.35
N SER A 5 6.28 -0.33 9.65
CA SER A 5 7.24 0.45 8.88
C SER A 5 7.45 1.84 9.48
N PHE A 6 6.50 2.73 9.22
CA PHE A 6 6.58 4.10 9.74
C PHE A 6 6.52 4.07 11.27
N LYS A 7 5.89 3.03 11.81
CA LYS A 7 5.79 2.88 13.26
C LYS A 7 7.17 2.64 13.83
N GLN A 8 8.07 2.14 12.99
CA GLN A 8 9.44 1.86 13.37
C GLN A 8 10.31 3.07 13.03
N GLU A 9 9.88 3.79 11.99
CA GLU A 9 10.58 5.00 11.54
C GLU A 9 9.59 6.14 11.35
N HIS A 10 9.30 6.84 12.43
CA HIS A 10 8.36 7.94 12.41
C HIS A 10 9.03 9.25 12.00
N ASP A 11 8.30 10.08 11.26
CA ASP A 11 8.81 11.37 10.79
C ASP A 11 7.72 12.11 10.05
N LEU A 12 6.69 12.53 10.78
CA LEU A 12 5.57 13.24 10.19
C LEU A 12 6.03 14.46 9.42
N GLU A 13 7.01 15.17 9.94
CA GLU A 13 7.52 16.36 9.26
C GLU A 13 7.74 16.07 7.79
N LYS A 14 8.47 15.00 7.51
CA LYS A 14 8.77 14.60 6.14
C LYS A 14 7.54 14.01 5.45
N ARG A 15 6.77 13.20 6.17
CA ARG A 15 5.57 12.59 5.61
C ARG A 15 4.59 13.67 5.15
N ARG A 16 4.17 14.49 6.11
CA ARG A 16 3.26 15.59 5.85
C ARG A 16 3.82 16.53 4.80
N ALA A 17 5.12 16.82 4.88
CA ALA A 17 5.74 17.71 3.91
C ALA A 17 5.63 17.18 2.51
N GLU A 18 6.11 15.97 2.32
CA GLU A 18 6.11 15.35 1.01
C GLU A 18 4.69 15.27 0.46
N ALA A 19 3.75 15.04 1.36
CA ALA A 19 2.35 14.93 1.00
C ALA A 19 1.78 16.24 0.47
N ALA A 20 1.96 17.30 1.25
CA ALA A 20 1.45 18.61 0.88
C ALA A 20 2.33 19.24 -0.18
N ARG A 21 3.59 18.84 -0.19
CA ARG A 21 4.54 19.37 -1.15
C ARG A 21 4.17 18.91 -2.54
N ILE A 22 3.85 17.61 -2.68
CA ILE A 22 3.46 17.08 -3.97
C ILE A 22 2.08 17.59 -4.37
N ARG A 23 1.15 17.58 -3.40
CA ARG A 23 -0.21 18.04 -3.64
C ARG A 23 -0.20 19.50 -4.11
N GLU A 24 0.80 20.25 -3.65
CA GLU A 24 0.95 21.65 -4.00
C GLU A 24 1.82 21.78 -5.24
N LYS A 25 2.80 20.89 -5.34
CA LYS A 25 3.72 20.87 -6.46
C LYS A 25 2.97 20.78 -7.77
N TYR A 26 2.27 19.66 -7.96
CA TYR A 26 1.49 19.41 -9.19
C TYR A 26 1.26 17.91 -9.41
N PRO A 27 2.33 17.09 -9.38
CA PRO A 27 2.22 15.64 -9.59
C PRO A 27 1.00 15.03 -8.92
N ASP A 28 0.68 15.50 -7.72
CA ASP A 28 -0.48 14.99 -6.98
C ASP A 28 -0.48 13.47 -7.00
N ARG A 29 0.63 12.88 -6.57
CA ARG A 29 0.76 11.43 -6.55
C ARG A 29 0.46 10.85 -5.17
N ILE A 30 -0.29 9.76 -5.17
CA ILE A 30 -0.69 9.07 -3.95
C ILE A 30 0.52 8.49 -3.23
N PRO A 31 0.92 9.06 -2.08
CA PRO A 31 2.04 8.54 -1.33
C PRO A 31 1.67 7.26 -0.62
N VAL A 32 2.20 6.13 -1.06
CA VAL A 32 1.87 4.88 -0.43
C VAL A 32 3.06 4.31 0.33
N ILE A 33 2.74 3.51 1.33
CA ILE A 33 3.73 2.87 2.17
C ILE A 33 3.34 1.42 2.38
N VAL A 34 3.84 0.53 1.53
CA VAL A 34 3.49 -0.87 1.62
C VAL A 34 4.21 -1.53 2.80
N GLU A 35 3.50 -2.35 3.55
CA GLU A 35 4.09 -3.04 4.70
C GLU A 35 3.52 -4.44 4.87
N LYS A 36 4.33 -5.35 5.40
CA LYS A 36 3.90 -6.73 5.62
C LYS A 36 2.92 -6.84 6.77
N ALA A 37 1.93 -7.72 6.60
CA ALA A 37 0.92 -7.95 7.61
C ALA A 37 1.37 -9.03 8.59
N GLU A 38 0.63 -9.19 9.69
CA GLU A 38 0.97 -10.19 10.70
C GLU A 38 0.55 -11.58 10.24
N LYS A 39 -0.55 -11.65 9.51
CA LYS A 39 -1.07 -12.92 9.01
C LYS A 39 -0.92 -13.00 7.49
N SER A 40 0.22 -12.56 6.99
CA SER A 40 0.48 -12.58 5.55
C SER A 40 1.51 -13.64 5.18
N ASP A 41 1.40 -14.13 3.96
CA ASP A 41 2.31 -15.15 3.44
C ASP A 41 2.65 -14.86 1.98
N ILE A 42 3.13 -13.64 1.73
CA ILE A 42 3.48 -13.21 0.38
C ILE A 42 4.77 -12.36 0.40
N PRO A 43 5.89 -12.94 0.88
CA PRO A 43 7.17 -12.23 0.99
C PRO A 43 8.03 -12.20 -0.27
N THR A 44 8.54 -10.99 -0.57
CA THR A 44 9.42 -10.74 -1.71
C THR A 44 9.37 -9.26 -2.11
N ILE A 45 8.19 -8.68 -1.96
CA ILE A 45 7.94 -7.29 -2.33
C ILE A 45 8.70 -6.30 -1.48
N ASP A 46 9.23 -5.26 -2.13
CA ASP A 46 9.92 -4.20 -1.42
C ASP A 46 8.88 -3.43 -0.63
N LYS A 47 8.61 -3.91 0.57
CA LYS A 47 7.61 -3.34 1.45
C LYS A 47 8.01 -2.00 2.05
N LYS A 48 8.84 -1.26 1.36
CA LYS A 48 9.24 0.04 1.88
C LYS A 48 8.20 1.11 1.51
N LYS A 49 8.66 2.34 1.29
CA LYS A 49 7.76 3.43 0.96
C LYS A 49 8.08 4.05 -0.39
N TYR A 50 7.04 4.46 -1.13
CA TYR A 50 7.23 5.09 -2.43
C TYR A 50 6.01 5.91 -2.83
N LEU A 51 6.26 6.97 -3.60
CA LEU A 51 5.22 7.89 -4.07
C LEU A 51 4.61 7.38 -5.38
N VAL A 52 3.33 7.00 -5.35
CA VAL A 52 2.64 6.50 -6.55
C VAL A 52 1.56 7.47 -7.00
N PRO A 53 1.43 7.73 -8.31
CA PRO A 53 0.44 8.68 -8.83
C PRO A 53 -0.98 8.41 -8.32
N ALA A 54 -1.71 9.49 -8.07
CA ALA A 54 -3.09 9.41 -7.57
C ALA A 54 -4.05 9.17 -8.72
N ASP A 55 -3.51 9.21 -9.93
CA ASP A 55 -4.32 9.01 -11.13
C ASP A 55 -4.74 7.55 -11.31
N LEU A 56 -4.71 6.78 -10.22
CA LEU A 56 -5.10 5.38 -10.29
C LEU A 56 -5.84 4.95 -9.04
N THR A 57 -6.40 3.74 -9.11
CA THR A 57 -7.21 3.20 -8.02
C THR A 57 -6.45 2.26 -7.10
N VAL A 58 -7.20 1.77 -6.10
CA VAL A 58 -6.67 0.85 -5.12
C VAL A 58 -6.16 -0.41 -5.82
N GLY A 59 -7.04 -1.04 -6.59
CA GLY A 59 -6.67 -2.23 -7.32
C GLY A 59 -5.56 -1.93 -8.30
N GLN A 60 -5.45 -0.66 -8.68
CA GLN A 60 -4.39 -0.24 -9.58
C GLN A 60 -3.08 -0.28 -8.82
N PHE A 61 -3.17 0.06 -7.54
CA PHE A 61 -2.01 0.00 -6.65
C PHE A 61 -1.63 -1.48 -6.50
N VAL A 62 -2.65 -2.32 -6.50
CA VAL A 62 -2.46 -3.76 -6.46
C VAL A 62 -1.78 -4.18 -7.75
N TYR A 63 -2.26 -3.54 -8.83
CA TYR A 63 -1.71 -3.77 -10.16
C TYR A 63 -0.28 -3.27 -10.19
N VAL A 64 0.02 -2.32 -9.30
CA VAL A 64 1.36 -1.78 -9.19
C VAL A 64 2.24 -2.86 -8.60
N ILE A 65 1.77 -3.47 -7.50
CA ILE A 65 2.47 -4.57 -6.90
C ILE A 65 2.51 -5.68 -7.96
N ARG A 66 1.51 -5.59 -8.83
CA ARG A 66 1.35 -6.48 -9.98
C ARG A 66 1.48 -7.96 -9.65
N LYS A 67 1.33 -8.29 -8.37
CA LYS A 67 1.40 -9.70 -7.94
C LYS A 67 2.51 -10.42 -8.67
N ARG A 68 3.57 -9.69 -8.94
CA ARG A 68 4.73 -10.23 -9.63
C ARG A 68 5.78 -10.67 -8.62
N ILE A 69 5.47 -10.41 -7.35
CA ILE A 69 6.37 -10.75 -6.26
C ILE A 69 6.26 -12.22 -5.87
N LYS A 70 6.90 -13.08 -6.66
CA LYS A 70 6.89 -14.54 -6.43
C LYS A 70 5.48 -15.12 -6.33
N LEU A 71 4.48 -14.33 -6.72
CA LEU A 71 3.08 -14.76 -6.69
C LEU A 71 2.78 -15.81 -7.76
N SER A 72 1.67 -16.52 -7.58
CA SER A 72 1.24 -17.54 -8.52
C SER A 72 0.40 -16.94 -9.63
N ALA A 73 0.16 -17.73 -10.67
CA ALA A 73 -0.63 -17.30 -11.81
C ALA A 73 -1.99 -16.75 -11.41
N GLU A 74 -2.89 -17.67 -11.12
CA GLU A 74 -4.26 -17.36 -10.75
C GLU A 74 -4.36 -16.56 -9.43
N LYS A 75 -3.26 -16.47 -8.70
CA LYS A 75 -3.28 -15.75 -7.43
C LYS A 75 -2.86 -14.29 -7.60
N ALA A 76 -3.20 -13.47 -6.60
CA ALA A 76 -2.88 -12.05 -6.60
C ALA A 76 -2.59 -11.58 -5.18
N ILE A 77 -2.40 -10.26 -5.02
CA ILE A 77 -2.12 -9.71 -3.70
C ILE A 77 -3.40 -9.25 -3.01
N PHE A 78 -3.26 -8.80 -1.78
CA PHE A 78 -4.38 -8.33 -0.98
C PHE A 78 -3.87 -7.36 0.07
N ILE A 79 -4.60 -6.29 0.29
CA ILE A 79 -4.17 -5.30 1.27
C ILE A 79 -5.10 -5.20 2.45
N PHE A 80 -4.50 -5.14 3.62
CA PHE A 80 -5.23 -5.01 4.87
C PHE A 80 -4.60 -3.92 5.70
N VAL A 81 -5.42 -2.98 6.08
CA VAL A 81 -4.97 -1.83 6.84
C VAL A 81 -6.04 -1.41 7.82
N ASP A 82 -5.66 -1.26 9.08
CA ASP A 82 -6.63 -0.89 10.11
C ASP A 82 -7.74 -1.94 10.10
N ASN A 83 -7.34 -3.18 9.81
CA ASN A 83 -8.27 -4.29 9.74
C ASN A 83 -9.33 -4.06 8.66
N VAL A 84 -8.87 -3.73 7.46
CA VAL A 84 -9.77 -3.47 6.34
C VAL A 84 -9.31 -4.18 5.09
N LEU A 85 -10.16 -4.07 4.08
CA LEU A 85 -9.91 -4.67 2.78
C LEU A 85 -10.43 -3.72 1.70
N PRO A 86 -9.59 -2.74 1.32
CA PRO A 86 -9.93 -1.72 0.32
C PRO A 86 -10.71 -2.27 -0.89
N PRO A 87 -11.33 -1.35 -1.66
CA PRO A 87 -12.15 -1.70 -2.83
C PRO A 87 -11.33 -2.19 -4.02
N ALA A 88 -10.02 -2.01 -3.94
CA ALA A 88 -9.12 -2.41 -5.01
C ALA A 88 -9.76 -2.18 -6.37
N GLY A 89 -10.11 -0.92 -6.62
CA GLY A 89 -10.74 -0.52 -7.86
C GLY A 89 -11.32 0.86 -7.76
N ALA A 90 -11.61 1.29 -6.53
CA ALA A 90 -12.16 2.62 -6.28
C ALA A 90 -11.27 3.70 -6.89
N LEU A 91 -10.45 4.32 -6.04
CA LEU A 91 -9.55 5.38 -6.48
C LEU A 91 -8.69 5.86 -5.31
N MET A 92 -7.51 5.29 -5.15
CA MET A 92 -6.62 5.65 -4.05
C MET A 92 -6.60 7.16 -3.79
N SER A 93 -6.85 7.95 -4.83
CA SER A 93 -6.85 9.42 -4.72
C SER A 93 -8.13 9.91 -4.07
N SER A 94 -9.20 9.94 -4.86
CA SER A 94 -10.49 10.36 -4.37
C SER A 94 -10.69 9.72 -3.03
N VAL A 95 -10.43 8.43 -3.00
CA VAL A 95 -10.53 7.64 -1.79
C VAL A 95 -9.65 8.19 -0.69
N TYR A 96 -8.40 8.55 -1.02
CA TYR A 96 -7.48 9.10 -0.04
C TYR A 96 -8.13 10.30 0.64
N GLU A 97 -9.01 10.97 -0.09
CA GLU A 97 -9.71 12.15 0.45
C GLU A 97 -11.19 11.85 0.71
N GLU A 98 -11.61 10.63 0.39
CA GLU A 98 -13.01 10.23 0.55
C GLU A 98 -13.29 9.49 1.84
N LYS A 99 -12.36 8.67 2.29
CA LYS A 99 -12.57 7.90 3.50
C LYS A 99 -11.62 8.28 4.61
N LYS A 100 -10.33 8.38 4.31
CA LYS A 100 -9.38 8.74 5.35
C LYS A 100 -8.00 9.12 4.82
N ASP A 101 -7.32 9.96 5.57
CA ASP A 101 -5.98 10.42 5.27
C ASP A 101 -5.34 11.01 6.52
N ASP A 102 -4.32 10.32 7.03
CA ASP A 102 -3.62 10.77 8.23
C ASP A 102 -3.25 12.25 8.12
N ASP A 103 -2.94 12.67 6.90
CA ASP A 103 -2.57 14.06 6.62
C ASP A 103 -2.61 14.32 5.12
N GLY A 104 -1.74 13.62 4.40
CA GLY A 104 -1.66 13.74 2.96
C GLY A 104 -1.09 12.47 2.37
N PHE A 105 -0.17 11.86 3.11
CA PHE A 105 0.45 10.61 2.71
C PHE A 105 -0.56 9.48 2.82
N LEU A 106 -0.19 8.28 2.39
CA LEU A 106 -1.10 7.14 2.46
C LEU A 106 -0.39 5.91 3.02
N TYR A 107 -1.03 5.30 4.02
CA TYR A 107 -0.46 4.13 4.71
C TYR A 107 -1.17 2.85 4.30
N VAL A 108 -0.38 1.88 3.82
CA VAL A 108 -0.92 0.60 3.40
C VAL A 108 -0.07 -0.57 3.86
N THR A 109 -0.70 -1.73 3.93
CA THR A 109 -0.03 -2.95 4.32
C THR A 109 -0.52 -4.10 3.45
N TYR A 110 0.44 -4.82 2.86
CA TYR A 110 0.11 -5.91 1.97
C TYR A 110 0.04 -7.24 2.70
N SER A 111 -0.63 -8.19 2.05
CA SER A 111 -0.81 -9.53 2.57
C SER A 111 -1.34 -10.43 1.47
N GLY A 112 -0.80 -11.64 1.38
CA GLY A 112 -1.25 -12.56 0.34
C GLY A 112 -1.81 -13.85 0.91
N GLU A 113 -1.80 -14.89 0.09
CA GLU A 113 -2.31 -16.20 0.47
C GLU A 113 -1.21 -17.24 0.33
N ASN A 114 -1.55 -18.51 0.50
CA ASN A 114 -0.58 -19.60 0.39
C ASN A 114 0.52 -19.22 -0.60
N THR A 115 0.10 -18.64 -1.74
CA THR A 115 1.00 -18.18 -2.78
C THR A 115 2.29 -19.00 -2.85
N PHE A 116 3.29 -18.63 -2.06
CA PHE A 116 4.56 -19.35 -2.06
C PHE A 116 5.07 -19.53 -0.64
N GLY A 117 5.19 -20.79 -0.22
CA GLY A 117 5.68 -21.09 1.12
C GLY A 117 7.15 -21.48 1.12
N PHE A 118 7.48 -22.50 1.90
CA PHE A 118 8.86 -22.97 1.99
C PHE A 118 9.27 -23.71 0.72
N GLY A 119 8.58 -24.81 0.44
CA GLY A 119 8.88 -25.59 -0.74
C GLY A 119 7.67 -25.74 -1.66
N SER A 120 6.49 -25.52 -1.12
CA SER A 120 5.26 -25.63 -1.91
C SER A 120 4.07 -24.97 -1.20
N PRO A 121 3.81 -25.33 0.09
CA PRO A 121 2.68 -24.76 0.84
C PRO A 121 2.99 -23.35 1.35
N MET A 1 -4.73 -7.75 8.54
CA MET A 1 -5.79 -6.81 8.99
C MET A 1 -5.19 -5.44 9.33
N ALA A 2 -4.52 -5.36 10.47
CA ALA A 2 -3.89 -4.12 10.90
C ALA A 2 -2.52 -3.95 10.26
N LYS A 3 -1.79 -2.94 10.72
CA LYS A 3 -0.46 -2.65 10.19
C LYS A 3 0.53 -2.43 11.31
N SER A 4 1.80 -2.26 10.96
CA SER A 4 2.85 -2.04 11.95
C SER A 4 4.12 -1.53 11.30
N SER A 5 4.36 -0.23 11.40
CA SER A 5 5.55 0.39 10.81
C SER A 5 5.55 1.90 11.03
N PHE A 6 4.78 2.62 10.22
CA PHE A 6 4.70 4.06 10.32
C PHE A 6 4.17 4.47 11.69
N LYS A 7 3.27 3.67 12.23
CA LYS A 7 2.68 3.94 13.55
C LYS A 7 3.73 3.73 14.64
N GLN A 8 4.73 2.92 14.33
CA GLN A 8 5.80 2.63 15.27
C GLN A 8 6.96 3.60 15.07
N GLU A 9 7.01 4.19 13.88
CA GLU A 9 8.06 5.14 13.54
C GLU A 9 7.45 6.45 13.03
N HIS A 10 7.12 7.33 13.97
CA HIS A 10 6.53 8.61 13.64
C HIS A 10 7.51 9.52 12.90
N ASP A 11 6.97 10.31 11.98
CA ASP A 11 7.77 11.24 11.19
C ASP A 11 6.86 12.16 10.40
N LEU A 12 5.88 12.74 11.10
CA LEU A 12 4.92 13.63 10.47
C LEU A 12 5.62 14.77 9.73
N GLU A 13 6.87 15.03 10.07
CA GLU A 13 7.62 16.08 9.41
C GLU A 13 7.75 15.79 7.93
N LYS A 14 8.44 14.71 7.61
CA LYS A 14 8.65 14.31 6.23
C LYS A 14 7.35 13.80 5.61
N ARG A 15 6.46 13.27 6.45
CA ARG A 15 5.18 12.77 5.97
C ARG A 15 4.30 13.91 5.48
N ARG A 16 4.01 14.85 6.38
CA ARG A 16 3.19 16.00 6.04
C ARG A 16 3.85 16.84 4.96
N ALA A 17 5.17 16.96 5.03
CA ALA A 17 5.90 17.75 4.05
C ALA A 17 5.81 17.15 2.67
N GLU A 18 6.19 15.89 2.55
CA GLU A 18 6.19 15.23 1.26
C GLU A 18 4.77 15.19 0.69
N ALA A 19 3.80 15.06 1.58
CA ALA A 19 2.39 15.01 1.21
C ALA A 19 1.92 16.34 0.60
N ALA A 20 2.19 17.41 1.31
CA ALA A 20 1.78 18.73 0.87
C ALA A 20 2.72 19.25 -0.20
N ARG A 21 3.95 18.76 -0.16
CA ARG A 21 4.95 19.18 -1.13
C ARG A 21 4.56 18.66 -2.49
N ILE A 22 4.11 17.41 -2.56
CA ILE A 22 3.68 16.83 -3.82
C ILE A 22 2.36 17.44 -4.26
N ARG A 23 1.42 17.56 -3.29
CA ARG A 23 0.12 18.15 -3.59
C ARG A 23 0.27 19.57 -4.14
N GLU A 24 1.33 20.24 -3.70
CA GLU A 24 1.61 21.60 -4.14
C GLU A 24 2.50 21.56 -5.38
N LYS A 25 3.37 20.57 -5.42
CA LYS A 25 4.29 20.38 -6.51
C LYS A 25 3.53 20.35 -7.83
N TYR A 26 2.66 19.33 -7.98
CA TYR A 26 1.84 19.15 -9.19
C TYR A 26 1.49 17.67 -9.41
N PRO A 27 2.50 16.77 -9.39
CA PRO A 27 2.27 15.34 -9.61
C PRO A 27 1.07 14.79 -8.85
N ASP A 28 0.84 15.31 -7.64
CA ASP A 28 -0.29 14.86 -6.83
C ASP A 28 -0.35 13.34 -6.82
N ARG A 29 0.78 12.71 -6.57
CA ARG A 29 0.87 11.26 -6.55
C ARG A 29 0.60 10.70 -5.15
N ILE A 30 -0.25 9.69 -5.10
CA ILE A 30 -0.63 9.02 -3.86
C ILE A 30 0.59 8.46 -3.13
N PRO A 31 0.99 9.04 -2.00
CA PRO A 31 2.11 8.50 -1.23
C PRO A 31 1.74 7.14 -0.67
N VAL A 32 2.34 6.08 -1.19
CA VAL A 32 2.02 4.74 -0.73
C VAL A 32 3.15 4.12 0.09
N ILE A 33 2.81 3.74 1.31
CA ILE A 33 3.77 3.10 2.21
C ILE A 33 3.37 1.64 2.43
N VAL A 34 3.88 0.74 1.59
CA VAL A 34 3.55 -0.67 1.69
C VAL A 34 4.28 -1.31 2.87
N GLU A 35 3.59 -2.22 3.57
CA GLU A 35 4.17 -2.90 4.74
C GLU A 35 3.70 -4.34 4.83
N LYS A 36 4.59 -5.22 5.32
CA LYS A 36 4.27 -6.64 5.43
C LYS A 36 3.27 -6.92 6.54
N ALA A 37 2.39 -7.89 6.26
CA ALA A 37 1.36 -8.29 7.22
C ALA A 37 1.73 -9.63 7.86
N GLU A 38 1.68 -9.68 9.18
CA GLU A 38 2.00 -10.89 9.91
C GLU A 38 1.03 -12.03 9.61
N LYS A 39 -0.18 -11.66 9.17
CA LYS A 39 -1.19 -12.67 8.87
C LYS A 39 -1.07 -13.19 7.44
N SER A 40 0.02 -12.84 6.76
CA SER A 40 0.23 -13.30 5.39
C SER A 40 1.70 -13.53 5.10
N ASP A 41 1.97 -14.42 4.14
CA ASP A 41 3.33 -14.75 3.75
C ASP A 41 3.54 -14.52 2.25
N ILE A 42 3.62 -13.25 1.86
CA ILE A 42 3.83 -12.90 0.45
C ILE A 42 5.01 -11.93 0.31
N PRO A 43 6.21 -12.37 0.72
CA PRO A 43 7.41 -11.53 0.67
C PRO A 43 7.97 -11.29 -0.73
N THR A 44 9.16 -10.64 -0.75
CA THR A 44 9.89 -10.31 -1.97
C THR A 44 9.46 -8.94 -2.52
N ILE A 45 8.24 -8.54 -2.21
CA ILE A 45 7.72 -7.27 -2.70
C ILE A 45 8.45 -6.08 -2.11
N ASP A 46 8.80 -5.13 -2.98
CA ASP A 46 9.46 -3.92 -2.53
C ASP A 46 8.42 -3.03 -1.89
N LYS A 47 8.21 -3.24 -0.60
CA LYS A 47 7.20 -2.50 0.13
C LYS A 47 7.68 -1.13 0.58
N LYS A 48 8.45 -1.10 1.67
CA LYS A 48 8.99 0.13 2.23
C LYS A 48 8.05 1.32 1.96
N LYS A 49 8.61 2.41 1.44
CA LYS A 49 7.83 3.60 1.15
C LYS A 49 8.17 4.18 -0.22
N TYR A 50 7.14 4.47 -1.01
CA TYR A 50 7.32 5.03 -2.34
C TYR A 50 6.05 5.74 -2.82
N LEU A 51 6.23 6.88 -3.47
CA LEU A 51 5.12 7.68 -3.97
C LEU A 51 4.56 7.09 -5.27
N VAL A 52 3.25 6.83 -5.29
CA VAL A 52 2.60 6.29 -6.48
C VAL A 52 1.51 7.26 -6.94
N PRO A 53 1.38 7.48 -8.27
CA PRO A 53 0.39 8.43 -8.79
C PRO A 53 -1.04 8.15 -8.29
N ALA A 54 -1.81 9.22 -8.17
CA ALA A 54 -3.20 9.15 -7.70
C ALA A 54 -4.14 8.88 -8.86
N ASP A 55 -3.57 8.84 -10.06
CA ASP A 55 -4.33 8.62 -11.26
C ASP A 55 -4.83 7.18 -11.39
N LEU A 56 -4.86 6.44 -10.27
CA LEU A 56 -5.32 5.06 -10.30
C LEU A 56 -6.04 4.68 -9.01
N THR A 57 -6.66 3.51 -9.04
CA THR A 57 -7.46 3.02 -7.92
C THR A 57 -6.70 2.09 -6.98
N VAL A 58 -7.45 1.60 -6.00
CA VAL A 58 -6.94 0.69 -4.99
C VAL A 58 -6.43 -0.59 -5.66
N GLY A 59 -7.35 -1.28 -6.34
CA GLY A 59 -6.98 -2.49 -7.03
C GLY A 59 -5.92 -2.21 -8.07
N GLN A 60 -5.86 -0.96 -8.51
CA GLN A 60 -4.83 -0.55 -9.47
C GLN A 60 -3.50 -0.55 -8.77
N PHE A 61 -3.51 -0.16 -7.50
CA PHE A 61 -2.31 -0.19 -6.68
C PHE A 61 -1.89 -1.64 -6.54
N VAL A 62 -2.88 -2.51 -6.43
CA VAL A 62 -2.64 -3.94 -6.37
C VAL A 62 -2.02 -4.38 -7.68
N TYR A 63 -2.58 -3.84 -8.75
CA TYR A 63 -2.08 -4.11 -10.10
C TYR A 63 -0.68 -3.57 -10.22
N VAL A 64 -0.37 -2.55 -9.39
CA VAL A 64 0.96 -1.97 -9.38
C VAL A 64 1.90 -3.00 -8.78
N ILE A 65 1.51 -3.55 -7.64
CA ILE A 65 2.27 -4.61 -7.03
C ILE A 65 2.32 -5.73 -8.05
N ARG A 66 1.28 -5.72 -8.88
CA ARG A 66 1.13 -6.64 -10.00
C ARG A 66 1.27 -8.09 -9.57
N LYS A 67 1.12 -8.34 -8.28
CA LYS A 67 1.21 -9.68 -7.73
C LYS A 67 2.17 -10.55 -8.53
N ARG A 68 3.37 -10.03 -8.74
CA ARG A 68 4.43 -10.73 -9.45
C ARG A 68 5.52 -11.04 -8.45
N ILE A 69 5.28 -10.55 -7.24
CA ILE A 69 6.17 -10.70 -6.11
C ILE A 69 6.30 -12.16 -5.69
N LYS A 70 7.17 -12.92 -6.38
CA LYS A 70 7.33 -14.35 -6.10
C LYS A 70 5.95 -14.98 -5.96
N LEU A 71 4.98 -14.23 -6.46
CA LEU A 71 3.59 -14.56 -6.47
C LEU A 71 3.29 -15.71 -7.42
N SER A 72 2.15 -16.36 -7.24
CA SER A 72 1.75 -17.48 -8.09
C SER A 72 0.93 -16.99 -9.29
N ALA A 73 0.72 -17.89 -10.24
CA ALA A 73 -0.03 -17.56 -11.45
C ALA A 73 -1.40 -16.98 -11.17
N GLU A 74 -2.34 -17.86 -10.83
CA GLU A 74 -3.72 -17.48 -10.57
C GLU A 74 -3.89 -16.73 -9.25
N LYS A 75 -2.83 -16.66 -8.45
CA LYS A 75 -2.92 -15.97 -7.17
C LYS A 75 -2.69 -14.47 -7.34
N ALA A 76 -2.77 -13.73 -6.23
CA ALA A 76 -2.60 -12.29 -6.26
C ALA A 76 -2.43 -11.74 -4.86
N ILE A 77 -2.36 -10.42 -4.76
CA ILE A 77 -2.21 -9.76 -3.47
C ILE A 77 -3.54 -9.20 -2.98
N PHE A 78 -3.53 -8.73 -1.74
CA PHE A 78 -4.69 -8.14 -1.10
C PHE A 78 -4.23 -7.42 0.15
N ILE A 79 -4.54 -6.14 0.21
CA ILE A 79 -4.07 -5.30 1.29
C ILE A 79 -5.03 -5.21 2.46
N PHE A 80 -4.46 -4.79 3.58
CA PHE A 80 -5.20 -4.61 4.82
C PHE A 80 -4.68 -3.38 5.53
N VAL A 81 -5.62 -2.58 6.00
CA VAL A 81 -5.29 -1.35 6.66
C VAL A 81 -6.36 -1.03 7.70
N ASP A 82 -5.94 -0.85 8.93
CA ASP A 82 -6.89 -0.58 10.01
C ASP A 82 -7.90 -1.71 10.09
N ASN A 83 -7.42 -2.93 9.80
CA ASN A 83 -8.25 -4.13 9.81
C ASN A 83 -9.34 -4.05 8.74
N VAL A 84 -8.93 -3.80 7.49
CA VAL A 84 -9.89 -3.71 6.40
C VAL A 84 -9.37 -4.30 5.11
N LEU A 85 -10.28 -4.35 4.16
CA LEU A 85 -10.02 -4.82 2.82
C LEU A 85 -10.57 -3.81 1.82
N PRO A 86 -9.75 -2.79 1.49
CA PRO A 86 -10.11 -1.72 0.56
C PRO A 86 -10.92 -2.20 -0.65
N PRO A 87 -11.56 -1.25 -1.36
CA PRO A 87 -12.41 -1.54 -2.52
C PRO A 87 -11.65 -2.10 -3.70
N ALA A 88 -10.31 -2.06 -3.62
CA ALA A 88 -9.46 -2.54 -4.69
C ALA A 88 -10.11 -2.33 -6.05
N GLY A 89 -10.41 -1.06 -6.33
CA GLY A 89 -11.04 -0.68 -7.58
C GLY A 89 -11.63 0.71 -7.51
N ALA A 90 -11.82 1.20 -6.28
CA ALA A 90 -12.36 2.53 -6.06
C ALA A 90 -11.48 3.60 -6.71
N LEU A 91 -10.66 4.25 -5.90
CA LEU A 91 -9.75 5.29 -6.39
C LEU A 91 -8.92 5.82 -5.24
N MET A 92 -7.73 5.27 -5.08
CA MET A 92 -6.83 5.67 -3.99
C MET A 92 -6.77 7.20 -3.83
N SER A 93 -7.02 7.93 -4.91
CA SER A 93 -6.96 9.40 -4.87
C SER A 93 -8.20 9.96 -4.17
N SER A 94 -9.35 9.94 -4.86
CA SER A 94 -10.58 10.41 -4.27
C SER A 94 -10.66 9.86 -2.88
N VAL A 95 -10.50 8.55 -2.82
CA VAL A 95 -10.50 7.82 -1.58
C VAL A 95 -9.59 8.45 -0.54
N TYR A 96 -8.36 8.73 -0.95
CA TYR A 96 -7.38 9.34 -0.06
C TYR A 96 -7.92 10.63 0.54
N GLU A 97 -8.68 11.38 -0.26
CA GLU A 97 -9.23 12.66 0.21
C GLU A 97 -10.72 12.56 0.55
N GLU A 98 -11.29 11.36 0.42
CA GLU A 98 -12.71 11.18 0.68
C GLU A 98 -12.98 10.34 1.93
N LYS A 99 -12.08 9.42 2.27
CA LYS A 99 -12.30 8.57 3.42
C LYS A 99 -11.04 8.38 4.26
N LYS A 100 -9.94 7.97 3.62
CA LYS A 100 -8.72 7.74 4.38
C LYS A 100 -7.58 8.71 4.07
N ASP A 101 -7.15 9.40 5.13
CA ASP A 101 -6.06 10.34 5.07
C ASP A 101 -5.55 10.64 6.47
N ASP A 102 -4.24 10.85 6.59
CA ASP A 102 -3.64 11.17 7.88
C ASP A 102 -3.16 12.62 7.88
N ASP A 103 -2.87 13.12 6.69
CA ASP A 103 -2.40 14.50 6.50
C ASP A 103 -2.24 14.78 5.01
N GLY A 104 -1.81 13.75 4.29
CA GLY A 104 -1.62 13.83 2.87
C GLY A 104 -0.93 12.57 2.37
N PHE A 105 -0.18 11.94 3.28
CA PHE A 105 0.54 10.71 2.98
C PHE A 105 -0.37 9.51 3.24
N LEU A 106 -0.28 8.49 2.40
CA LEU A 106 -1.12 7.30 2.55
C LEU A 106 -0.30 6.08 2.98
N TYR A 107 -0.83 5.34 3.95
CA TYR A 107 -0.16 4.16 4.47
C TYR A 107 -0.96 2.89 4.22
N VAL A 108 -0.31 1.90 3.61
CA VAL A 108 -0.94 0.64 3.30
C VAL A 108 -0.06 -0.54 3.70
N THR A 109 -0.69 -1.62 4.09
CA THR A 109 0.01 -2.82 4.46
C THR A 109 -0.40 -3.93 3.52
N TYR A 110 0.59 -4.60 2.93
CA TYR A 110 0.31 -5.66 1.98
C TYR A 110 0.20 -7.01 2.67
N SER A 111 -0.52 -7.89 2.01
CA SER A 111 -0.78 -9.22 2.53
C SER A 111 -1.17 -10.17 1.40
N GLY A 112 -0.61 -11.38 1.43
CA GLY A 112 -0.92 -12.35 0.39
C GLY A 112 -1.45 -13.67 0.92
N GLU A 113 -1.71 -14.59 0.01
CA GLU A 113 -2.24 -15.91 0.37
C GLU A 113 -1.15 -16.97 0.34
N ASN A 114 -1.55 -18.23 0.50
CA ASN A 114 -0.63 -19.38 0.50
C ASN A 114 0.43 -19.28 -0.61
N THR A 115 0.24 -18.36 -1.56
CA THR A 115 1.17 -18.14 -2.66
C THR A 115 2.61 -18.48 -2.28
N PHE A 116 3.27 -19.23 -3.14
CA PHE A 116 4.66 -19.61 -2.93
C PHE A 116 4.83 -20.41 -1.64
N GLY A 117 4.96 -21.73 -1.78
CA GLY A 117 5.14 -22.58 -0.62
C GLY A 117 3.99 -23.55 -0.43
N PHE A 118 4.32 -24.80 -0.12
CA PHE A 118 3.32 -25.84 0.10
C PHE A 118 2.43 -26.03 -1.13
N GLY A 119 1.36 -26.78 -0.96
CA GLY A 119 0.44 -27.02 -2.05
C GLY A 119 -0.62 -28.04 -1.71
N SER A 120 -1.89 -27.63 -1.79
CA SER A 120 -3.01 -28.52 -1.49
C SER A 120 -4.23 -28.15 -2.32
N PRO A 121 -5.14 -29.13 -2.55
CA PRO A 121 -6.36 -28.90 -3.33
C PRO A 121 -7.45 -28.20 -2.53
N MET A 1 0.96 -5.47 16.83
CA MET A 1 0.85 -6.43 15.70
C MET A 1 -0.32 -6.06 14.78
N ALA A 2 -0.58 -6.92 13.80
CA ALA A 2 -1.66 -6.70 12.85
C ALA A 2 -1.43 -5.43 12.03
N LYS A 3 -1.03 -5.61 10.78
CA LYS A 3 -0.76 -4.48 9.88
C LYS A 3 0.36 -3.60 10.43
N SER A 4 1.55 -3.72 9.83
CA SER A 4 2.69 -2.92 10.24
C SER A 4 2.51 -1.49 9.78
N SER A 5 3.17 -0.55 10.47
CA SER A 5 3.03 0.85 10.13
C SER A 5 4.17 1.70 10.70
N PHE A 6 5.32 1.58 10.04
CA PHE A 6 6.53 2.31 10.41
C PHE A 6 6.37 3.82 10.29
N LYS A 7 6.46 4.31 9.05
CA LYS A 7 6.36 5.73 8.77
C LYS A 7 5.11 6.35 9.38
N GLN A 8 4.12 5.53 9.69
CA GLN A 8 2.89 6.02 10.28
C GLN A 8 3.08 6.19 11.79
N GLU A 9 3.79 5.24 12.39
CA GLU A 9 4.06 5.28 13.83
C GLU A 9 4.54 6.67 14.26
N HIS A 10 5.60 7.16 13.62
CA HIS A 10 6.14 8.48 13.92
C HIS A 10 7.10 8.94 12.85
N ASP A 11 6.68 9.95 12.11
CA ASP A 11 7.46 10.54 11.02
C ASP A 11 6.57 11.50 10.23
N LEU A 12 5.53 11.99 10.88
CA LEU A 12 4.58 12.90 10.24
C LEU A 12 5.29 14.03 9.52
N GLU A 13 6.23 14.69 10.20
CA GLU A 13 6.95 15.79 9.58
C GLU A 13 7.33 15.45 8.15
N LYS A 14 7.90 14.25 7.98
CA LYS A 14 8.32 13.79 6.66
C LYS A 14 7.12 13.47 5.78
N ARG A 15 6.22 12.61 6.28
CA ARG A 15 5.03 12.23 5.52
C ARG A 15 4.25 13.46 5.06
N ARG A 16 3.82 14.26 6.03
CA ARG A 16 3.07 15.47 5.76
C ARG A 16 3.83 16.40 4.83
N ALA A 17 5.14 16.54 5.03
CA ALA A 17 5.93 17.44 4.17
C ALA A 17 5.87 17.01 2.73
N GLU A 18 6.24 15.77 2.47
CA GLU A 18 6.28 15.26 1.13
C GLU A 18 4.88 15.20 0.54
N ALA A 19 3.89 15.03 1.42
CA ALA A 19 2.50 14.96 1.03
C ALA A 19 2.04 16.30 0.47
N ALA A 20 2.36 17.35 1.21
CA ALA A 20 1.98 18.70 0.84
C ALA A 20 2.94 19.24 -0.19
N ARG A 21 4.16 18.72 -0.16
CA ARG A 21 5.19 19.16 -1.09
C ARG A 21 4.78 18.74 -2.49
N ILE A 22 4.31 17.49 -2.62
CA ILE A 22 3.86 16.98 -3.91
C ILE A 22 2.52 17.62 -4.28
N ARG A 23 1.61 17.72 -3.30
CA ARG A 23 0.31 18.31 -3.53
C ARG A 23 0.46 19.77 -3.99
N GLU A 24 1.56 20.39 -3.58
CA GLU A 24 1.85 21.77 -3.93
C GLU A 24 2.65 21.79 -5.22
N LYS A 25 3.52 20.79 -5.33
CA LYS A 25 4.38 20.64 -6.49
C LYS A 25 3.54 20.63 -7.77
N TYR A 26 2.73 19.57 -7.92
CA TYR A 26 1.84 19.39 -9.09
C TYR A 26 1.49 17.92 -9.33
N PRO A 27 2.50 17.02 -9.35
CA PRO A 27 2.28 15.59 -9.60
C PRO A 27 1.01 15.03 -8.96
N ASP A 28 0.71 15.47 -7.73
CA ASP A 28 -0.47 14.98 -7.02
C ASP A 28 -0.51 13.46 -7.05
N ARG A 29 0.54 12.85 -6.52
CA ARG A 29 0.65 11.39 -6.51
C ARG A 29 0.38 10.81 -5.12
N ILE A 30 -0.32 9.68 -5.11
CA ILE A 30 -0.66 8.99 -3.86
C ILE A 30 0.57 8.43 -3.18
N PRO A 31 1.00 9.02 -2.07
CA PRO A 31 2.15 8.51 -1.33
C PRO A 31 1.81 7.26 -0.57
N VAL A 32 2.34 6.12 -0.97
CA VAL A 32 2.01 4.89 -0.27
C VAL A 32 3.22 4.29 0.44
N ILE A 33 2.95 3.76 1.63
CA ILE A 33 3.98 3.10 2.42
C ILE A 33 3.60 1.64 2.56
N VAL A 34 4.08 0.80 1.64
CA VAL A 34 3.74 -0.62 1.68
C VAL A 34 4.46 -1.28 2.83
N GLU A 35 3.77 -2.19 3.50
CA GLU A 35 4.35 -2.90 4.65
C GLU A 35 4.04 -4.39 4.58
N LYS A 36 4.67 -5.16 5.47
CA LYS A 36 4.43 -6.60 5.52
C LYS A 36 3.48 -6.94 6.66
N ALA A 37 2.32 -7.48 6.30
CA ALA A 37 1.31 -7.85 7.27
C ALA A 37 1.82 -8.94 8.21
N GLU A 38 1.23 -9.00 9.40
CA GLU A 38 1.61 -9.99 10.40
C GLU A 38 0.94 -11.32 10.15
N LYS A 39 -0.11 -11.30 9.35
CA LYS A 39 -0.87 -12.50 9.03
C LYS A 39 -0.82 -12.80 7.53
N SER A 40 0.39 -12.94 6.99
CA SER A 40 0.56 -13.23 5.58
C SER A 40 1.96 -13.78 5.28
N ASP A 41 2.05 -14.56 4.21
CA ASP A 41 3.32 -15.14 3.80
C ASP A 41 3.60 -14.85 2.33
N ILE A 42 3.75 -13.57 2.01
CA ILE A 42 4.01 -13.14 0.64
C ILE A 42 5.26 -12.22 0.59
N PRO A 43 6.43 -12.75 1.02
CA PRO A 43 7.68 -11.99 1.08
C PRO A 43 8.50 -11.92 -0.21
N THR A 44 8.84 -10.69 -0.63
CA THR A 44 9.65 -10.45 -1.83
C THR A 44 9.48 -9.02 -2.35
N ILE A 45 8.28 -8.50 -2.22
CA ILE A 45 7.96 -7.17 -2.73
C ILE A 45 8.70 -6.07 -2.00
N ASP A 46 9.29 -5.17 -2.77
CA ASP A 46 9.99 -4.03 -2.20
C ASP A 46 8.94 -3.05 -1.70
N LYS A 47 8.51 -3.27 -0.47
CA LYS A 47 7.47 -2.45 0.13
C LYS A 47 7.97 -1.05 0.47
N LYS A 48 8.69 -0.93 1.58
CA LYS A 48 9.23 0.35 2.02
C LYS A 48 8.26 1.50 1.73
N LYS A 49 8.78 2.61 1.21
CA LYS A 49 7.95 3.77 0.90
C LYS A 49 8.22 4.32 -0.50
N TYR A 50 7.15 4.67 -1.20
CA TYR A 50 7.27 5.23 -2.55
C TYR A 50 6.00 5.96 -2.95
N LEU A 51 6.18 7.01 -3.75
CA LEU A 51 5.06 7.83 -4.23
C LEU A 51 4.42 7.22 -5.48
N VAL A 52 3.15 6.84 -5.38
CA VAL A 52 2.43 6.27 -6.51
C VAL A 52 1.37 7.27 -7.00
N PRO A 53 1.30 7.56 -8.31
CA PRO A 53 0.32 8.52 -8.84
C PRO A 53 -1.11 8.26 -8.38
N ALA A 54 -1.83 9.35 -8.12
CA ALA A 54 -3.23 9.27 -7.66
C ALA A 54 -4.16 9.05 -8.84
N ASP A 55 -3.58 9.04 -10.04
CA ASP A 55 -4.34 8.85 -11.26
C ASP A 55 -4.82 7.41 -11.43
N LEU A 56 -4.87 6.66 -10.33
CA LEU A 56 -5.32 5.27 -10.39
C LEU A 56 -6.03 4.85 -9.11
N THR A 57 -6.62 3.67 -9.17
CA THR A 57 -7.41 3.14 -8.06
C THR A 57 -6.65 2.20 -7.16
N VAL A 58 -7.36 1.72 -6.15
CA VAL A 58 -6.81 0.80 -5.18
C VAL A 58 -6.34 -0.48 -5.87
N GLY A 59 -7.24 -1.12 -6.59
CA GLY A 59 -6.90 -2.32 -7.31
C GLY A 59 -5.86 -2.04 -8.36
N GLN A 60 -5.75 -0.78 -8.76
CA GLN A 60 -4.74 -0.39 -9.73
C GLN A 60 -3.39 -0.42 -9.03
N PHE A 61 -3.39 -0.04 -7.76
CA PHE A 61 -2.18 -0.09 -6.94
C PHE A 61 -1.81 -1.56 -6.78
N VAL A 62 -2.85 -2.39 -6.69
CA VAL A 62 -2.67 -3.82 -6.59
C VAL A 62 -2.06 -4.33 -7.89
N TYR A 63 -2.60 -3.82 -8.98
CA TYR A 63 -2.12 -4.16 -10.31
C TYR A 63 -0.69 -3.66 -10.45
N VAL A 64 -0.37 -2.63 -9.67
CA VAL A 64 0.97 -2.07 -9.69
C VAL A 64 1.91 -3.10 -9.06
N ILE A 65 1.50 -3.63 -7.90
CA ILE A 65 2.25 -4.67 -7.25
C ILE A 65 2.26 -5.86 -8.20
N ARG A 66 1.18 -5.90 -8.98
CA ARG A 66 0.96 -6.90 -10.03
C ARG A 66 1.24 -8.33 -9.59
N LYS A 67 1.09 -8.61 -8.29
CA LYS A 67 1.30 -9.96 -7.76
C LYS A 67 2.35 -10.72 -8.57
N ARG A 68 3.46 -10.04 -8.87
CA ARG A 68 4.54 -10.63 -9.63
C ARG A 68 5.67 -11.05 -8.69
N ILE A 69 5.50 -10.73 -7.43
CA ILE A 69 6.47 -11.03 -6.39
C ILE A 69 6.36 -12.49 -5.96
N LYS A 70 7.04 -13.38 -6.67
CA LYS A 70 7.00 -14.82 -6.38
C LYS A 70 5.55 -15.33 -6.21
N LEU A 71 4.59 -14.53 -6.70
CA LEU A 71 3.17 -14.89 -6.66
C LEU A 71 2.81 -15.76 -7.86
N SER A 72 1.66 -16.44 -7.78
CA SER A 72 1.21 -17.30 -8.87
C SER A 72 0.17 -16.58 -9.73
N ALA A 73 -0.11 -17.20 -10.88
CA ALA A 73 -1.08 -16.66 -11.84
C ALA A 73 -2.47 -16.50 -11.24
N GLU A 74 -3.11 -17.64 -11.08
CA GLU A 74 -4.47 -17.75 -10.57
C GLU A 74 -4.70 -16.92 -9.32
N LYS A 75 -3.65 -16.66 -8.58
CA LYS A 75 -3.77 -15.90 -7.34
C LYS A 75 -3.33 -14.45 -7.53
N ALA A 76 -3.36 -13.69 -6.43
CA ALA A 76 -3.00 -12.28 -6.47
C ALA A 76 -2.68 -11.75 -5.08
N ILE A 77 -2.55 -10.43 -4.99
CA ILE A 77 -2.25 -9.79 -3.72
C ILE A 77 -3.51 -9.38 -2.96
N PHE A 78 -3.32 -8.85 -1.75
CA PHE A 78 -4.41 -8.42 -0.90
C PHE A 78 -3.89 -7.44 0.14
N ILE A 79 -4.44 -6.25 0.15
CA ILE A 79 -4.01 -5.24 1.10
C ILE A 79 -4.92 -5.15 2.30
N PHE A 80 -4.35 -4.74 3.42
CA PHE A 80 -5.09 -4.58 4.65
C PHE A 80 -4.54 -3.41 5.44
N VAL A 81 -5.44 -2.57 5.90
CA VAL A 81 -5.06 -1.38 6.64
C VAL A 81 -6.14 -1.04 7.65
N ASP A 82 -5.74 -0.77 8.88
CA ASP A 82 -6.71 -0.47 9.91
C ASP A 82 -7.72 -1.61 9.98
N ASN A 83 -7.21 -2.82 9.72
CA ASN A 83 -8.04 -4.03 9.72
C ASN A 83 -9.14 -3.92 8.65
N VAL A 84 -8.74 -3.59 7.43
CA VAL A 84 -9.67 -3.46 6.33
C VAL A 84 -9.19 -4.15 5.07
N LEU A 85 -10.07 -4.16 4.11
CA LEU A 85 -9.82 -4.74 2.80
C LEU A 85 -10.37 -3.79 1.74
N PRO A 86 -9.56 -2.80 1.34
CA PRO A 86 -9.92 -1.78 0.36
C PRO A 86 -10.74 -2.30 -0.82
N PRO A 87 -11.39 -1.37 -1.55
CA PRO A 87 -12.26 -1.71 -2.70
C PRO A 87 -11.47 -2.21 -3.90
N ALA A 88 -10.16 -2.04 -3.86
CA ALA A 88 -9.30 -2.45 -4.95
C ALA A 88 -9.98 -2.22 -6.30
N GLY A 89 -10.33 -0.96 -6.53
CA GLY A 89 -10.99 -0.57 -7.77
C GLY A 89 -11.56 0.83 -7.67
N ALA A 90 -11.80 1.27 -6.43
CA ALA A 90 -12.34 2.60 -6.18
C ALA A 90 -11.46 3.69 -6.82
N LEU A 91 -10.62 4.31 -6.00
CA LEU A 91 -9.73 5.37 -6.46
C LEU A 91 -8.87 5.86 -5.30
N MET A 92 -7.67 5.30 -5.16
CA MET A 92 -6.78 5.68 -4.07
C MET A 92 -6.75 7.19 -3.83
N SER A 93 -7.02 7.97 -4.88
CA SER A 93 -7.01 9.43 -4.80
C SER A 93 -8.26 9.94 -4.07
N SER A 94 -9.37 9.98 -4.82
CA SER A 94 -10.63 10.41 -4.23
C SER A 94 -10.75 9.74 -2.88
N VAL A 95 -10.51 8.44 -2.89
CA VAL A 95 -10.55 7.65 -1.69
C VAL A 95 -9.64 8.22 -0.61
N TYR A 96 -8.42 8.61 -1.01
CA TYR A 96 -7.47 9.18 -0.06
C TYR A 96 -8.11 10.36 0.66
N GLU A 97 -9.04 11.02 -0.04
CA GLU A 97 -9.76 12.17 0.53
C GLU A 97 -11.23 11.85 0.80
N GLU A 98 -11.63 10.61 0.53
CA GLU A 98 -13.03 10.21 0.71
C GLU A 98 -13.26 9.46 2.01
N LYS A 99 -12.33 8.59 2.37
CA LYS A 99 -12.49 7.79 3.56
C LYS A 99 -11.60 8.29 4.68
N LYS A 100 -10.29 8.34 4.45
CA LYS A 100 -9.37 8.80 5.47
C LYS A 100 -7.90 8.76 5.03
N ASP A 101 -7.09 9.56 5.74
CA ASP A 101 -5.66 9.64 5.49
C ASP A 101 -4.97 10.28 6.68
N ASP A 102 -3.73 9.89 6.94
CA ASP A 102 -2.98 10.46 8.05
C ASP A 102 -3.04 11.98 8.00
N ASP A 103 -2.93 12.52 6.79
CA ASP A 103 -2.98 13.97 6.56
C ASP A 103 -2.85 14.26 5.08
N GLY A 104 -1.77 13.76 4.49
CA GLY A 104 -1.52 13.92 3.08
C GLY A 104 -0.87 12.68 2.50
N PHE A 105 0.05 12.11 3.27
CA PHE A 105 0.75 10.90 2.88
C PHE A 105 -0.14 9.69 3.17
N LEU A 106 -0.15 8.72 2.25
CA LEU A 106 -1.00 7.54 2.42
C LEU A 106 -0.20 6.32 2.89
N TYR A 107 -0.85 5.47 3.68
CA TYR A 107 -0.20 4.29 4.21
C TYR A 107 -0.98 3.01 3.92
N VAL A 108 -0.26 2.00 3.43
CA VAL A 108 -0.88 0.72 3.11
C VAL A 108 -0.03 -0.46 3.57
N THR A 109 -0.68 -1.46 4.14
CA THR A 109 -0.01 -2.65 4.57
C THR A 109 -0.32 -3.75 3.57
N TYR A 110 0.72 -4.37 3.08
CA TYR A 110 0.59 -5.39 2.06
C TYR A 110 0.49 -6.80 2.61
N SER A 111 -0.17 -7.64 1.82
CA SER A 111 -0.39 -9.04 2.15
C SER A 111 -0.78 -9.81 0.90
N GLY A 112 -0.76 -11.12 0.96
CA GLY A 112 -1.12 -11.92 -0.20
C GLY A 112 -1.91 -13.17 0.15
N GLU A 113 -1.63 -14.24 -0.57
CA GLU A 113 -2.31 -15.51 -0.36
C GLU A 113 -1.34 -16.51 0.25
N ASN A 114 -1.78 -17.77 0.36
CA ASN A 114 -0.93 -18.83 0.91
C ASN A 114 0.40 -18.92 0.15
N THR A 115 0.55 -18.04 -0.85
CA THR A 115 1.75 -17.95 -1.68
C THR A 115 3.02 -18.33 -0.91
N PHE A 116 3.97 -18.94 -1.61
CA PHE A 116 5.22 -19.36 -1.02
C PHE A 116 5.00 -20.41 0.07
N GLY A 117 5.38 -21.64 -0.22
CA GLY A 117 5.20 -22.73 0.73
C GLY A 117 5.88 -22.45 2.07
N PHE A 118 5.50 -23.22 3.09
CA PHE A 118 6.05 -23.06 4.42
C PHE A 118 6.71 -24.35 4.89
N GLY A 119 5.87 -25.36 5.16
CA GLY A 119 6.38 -26.63 5.61
C GLY A 119 6.95 -27.47 4.48
N SER A 120 8.17 -27.97 4.66
CA SER A 120 8.82 -28.79 3.65
C SER A 120 8.30 -30.24 3.67
N PRO A 121 8.28 -30.89 4.85
CA PRO A 121 7.81 -32.27 4.96
C PRO A 121 6.29 -32.37 4.89
#